data_8VAJ
#
_entry.id   8VAJ
#
_cell.length_a   65.142
_cell.length_b   138.126
_cell.length_c   143.533
_cell.angle_alpha   90.000
_cell.angle_beta   90.000
_cell.angle_gamma   90.000
#
_symmetry.space_group_name_H-M   'P 2 21 21'
#
loop_
_entity.id
_entity.type
_entity.pdbx_description
1 polymer 'Protein argonaute-3'
2 polymer "RNA (5'-R(P*UP*AP*AP*AP*GP*UP*GP*CP*UP*UP*AP*G)-3')"
3 polymer "RNA (5'-R(P*(SRA)P*AP*GP*CP*AP*CP*UP*UP*UP*AP*AP*A)-3')"
4 water water
#
loop_
_entity_poly.entity_id
_entity_poly.type
_entity_poly.pdbx_seq_one_letter_code
_entity_poly.pdbx_strand_id
1 'polypeptide(L)'
;GSMEIGSAGPAGAQPLLMVPRRPGYGTMGKPIKLLANCFQVEIPKIDVYLYEVDIKPDKCPRRVNREVVDSMVQHFKVTI
FGDRRPVYDGKRSLYTANPLPVATTGVDLDVTLPGEGGKDRPFKVSIKFVSRVSWHLLHEVLTGRTLPEPLELDKPISTN
PVHAVDVVLRHLPSMKYTPVGRSFFSAPEGYDHPLGGGREVWFGFHQSVRPAMWKMMLNIDVSATAFYKAQPVIQFMCEV
LDIHNIDEQPRPLTDSHRVKFTKEIKGLKVEVTHCGTMRRKYRVCNVTRRPASHQTFPLQLENGQTVERTVAQYFREKYT
LQLKYPHLPCLQVGQEQKHTYLPLEVCNIVAGQRCIKKLTDNQTSTMIKATARSAPDRQEEISRLVRSANYETDPFVQEF
QFKVRDEMAHVTGRVLPAPMLQYGGRNRTVATPSHGVWDMRGKQFHTGVEIKMWAIACFATQRQCREEILKGFTDQLRKI
SKDAGMPIQGQPCFCKYAQGADSVEPMFRHLKNTYSGLQLIIVILPGKTPVYAEVKRVGDTLLGMATQCVQVKNVIKTSP
QTLSNLCLKINVKLGGINNILVPHQRPSVFQQPVIFLGADVTHPPAGDGKKPSIAAVVGSMDAHPSRYCATVRVQRPRQE
IIQDLASMVRELLIQFYKSTRFKPTRIIFYRDGVSEGQFRQVLYYELLAIREACISLEKDYQPGITYIVVQKRHHTRLFC
ADRTERVGRSGNIPAGTTVDTDITHPYEFDFYLCSHAGIQGTSRPSHYHVLWDDNCFTADELQLLTYQLCHTYVRCTRSV
SIPAPAYYAHLVAFRARYHLVDKEHDSAEGSHVSGQSNGRDPQALAKAVQIHQDTLRTMYFA
;
A
2 'polyribonucleotide' UAAAGUGCUUAUAG E
3 'polyribonucleotide' CUA(OMU)(SRA)AGCACUUUAAA F
#
loop_
_chem_comp.id
_chem_comp.type
_chem_comp.name
_chem_comp.formula
A RNA linking ADENOSINE-5'-MONOPHOSPHATE 'C10 H14 N5 O7 P'
C RNA linking CYTIDINE-5'-MONOPHOSPHATE 'C9 H14 N3 O8 P'
G RNA linking GUANOSINE-5'-MONOPHOSPHATE 'C10 H14 N5 O8 P'
OMU RNA linking 'O2'-METHYLURIDINE 5'-MONOPHOSPHATE' 'C10 H15 N2 O9 P'
SRA RNA linking 'ADENOSINE -5'-THIO-MONOPHOSPHATE' 'C10 H14 N5 O6 P S'
U RNA linking URIDINE-5'-MONOPHOSPHATE 'C9 H13 N2 O9 P'
#
# COMPACT_ATOMS: atom_id res chain seq x y z
N PRO A 15 11.86 3.40 30.52
CA PRO A 15 12.24 4.81 30.34
C PRO A 15 12.00 5.31 28.92
N LEU A 16 11.82 6.61 28.76
CA LEU A 16 11.62 7.19 27.44
C LEU A 16 12.89 7.08 26.61
N LEU A 17 12.71 6.94 25.31
CA LEU A 17 13.82 6.85 24.36
C LEU A 17 14.15 8.24 23.81
N MET A 18 15.34 8.35 23.22
CA MET A 18 15.87 9.62 22.72
C MET A 18 16.27 9.45 21.25
N VAL A 19 15.47 9.99 20.35
CA VAL A 19 15.77 9.96 18.92
C VAL A 19 16.94 10.89 18.62
N PRO A 20 18.00 10.41 17.99
CA PRO A 20 19.13 11.28 17.67
C PRO A 20 18.75 12.40 16.72
N ARG A 21 19.39 13.55 16.89
CA ARG A 21 19.08 14.72 16.09
C ARG A 21 19.99 14.80 14.87
N ARG A 22 19.73 15.79 14.02
CA ARG A 22 20.56 16.08 12.87
C ARG A 22 22.02 16.21 13.25
N PRO A 23 22.87 15.30 12.79
CA PRO A 23 24.31 15.44 13.00
C PRO A 23 25.02 16.27 11.94
N GLY A 24 24.29 17.01 11.12
CA GLY A 24 24.83 17.71 9.97
C GLY A 24 23.95 17.49 8.76
N TYR A 25 24.30 18.20 7.69
CA TYR A 25 23.59 18.09 6.42
C TYR A 25 24.52 17.51 5.36
N GLY A 26 23.92 17.20 4.20
CA GLY A 26 24.69 16.63 3.12
C GLY A 26 25.39 17.68 2.27
N THR A 27 26.48 17.25 1.62
CA THR A 27 27.26 18.14 0.76
C THR A 27 27.65 17.52 -0.58
N MET A 28 27.37 16.23 -0.81
CA MET A 28 27.81 15.56 -2.03
C MET A 28 26.75 15.65 -3.12
N GLY A 29 27.22 15.59 -4.37
CA GLY A 29 26.34 15.49 -5.51
C GLY A 29 26.01 16.83 -6.15
N LYS A 30 25.49 16.74 -7.37
CA LYS A 30 25.21 17.94 -8.15
C LYS A 30 23.93 18.61 -7.66
N PRO A 31 23.97 19.89 -7.29
CA PRO A 31 22.76 20.58 -6.85
C PRO A 31 21.76 20.73 -7.97
N ILE A 32 20.48 20.67 -7.60
CA ILE A 32 19.37 20.74 -8.55
C ILE A 32 18.20 21.46 -7.88
N LYS A 33 17.65 22.45 -8.57
CA LYS A 33 16.47 23.15 -8.08
C LYS A 33 15.24 22.28 -8.24
N LEU A 34 14.33 22.37 -7.26
CA LEU A 34 13.18 21.49 -7.19
C LEU A 34 11.96 22.26 -6.70
N LEU A 35 10.79 21.77 -7.08
CA LEU A 35 9.52 22.20 -6.53
C LEU A 35 8.93 21.09 -5.67
N ALA A 36 8.11 21.48 -4.71
CA ALA A 36 7.51 20.51 -3.81
C ALA A 36 6.08 20.89 -3.50
N ASN A 37 5.24 19.86 -3.33
CA ASN A 37 3.83 20.07 -3.02
C ASN A 37 3.59 20.54 -1.59
N CYS A 38 4.63 20.61 -0.76
CA CYS A 38 4.46 21.18 0.57
C CYS A 38 4.19 22.67 0.47
N PHE A 39 3.26 23.15 1.30
CA PHE A 39 2.93 24.57 1.38
C PHE A 39 3.04 25.04 2.82
N GLN A 40 3.62 26.22 3.00
CA GLN A 40 3.85 26.76 4.33
C GLN A 40 2.54 27.19 4.97
N VAL A 41 2.51 27.16 6.30
CA VAL A 41 1.34 27.57 7.09
C VAL A 41 1.81 28.53 8.18
N GLU A 42 1.26 29.74 8.19
CA GLU A 42 1.48 30.65 9.30
C GLU A 42 0.47 30.36 10.40
N ILE A 43 0.96 30.08 11.60
CA ILE A 43 0.08 29.88 12.73
C ILE A 43 0.46 30.88 13.82
N PRO A 44 -0.51 31.44 14.54
CA PRO A 44 -0.17 32.30 15.68
C PRO A 44 0.33 31.48 16.85
N LYS A 45 1.22 32.09 17.64
CA LYS A 45 1.76 31.46 18.84
C LYS A 45 0.77 31.67 19.99
N ILE A 46 -0.39 31.03 19.83
CA ILE A 46 -1.54 31.26 20.69
C ILE A 46 -2.00 29.94 21.28
N ASP A 47 -2.31 29.95 22.58
CA ASP A 47 -2.96 28.82 23.21
C ASP A 47 -4.38 28.68 22.67
N VAL A 48 -4.70 27.52 22.09
CA VAL A 48 -6.03 27.26 21.55
C VAL A 48 -6.64 26.10 22.32
N TYR A 49 -7.97 26.10 22.45
CA TYR A 49 -8.61 25.32 23.50
C TYR A 49 -9.35 24.11 22.92
N LEU A 50 -9.14 22.95 23.56
CA LEU A 50 -9.63 21.67 23.09
C LEU A 50 -10.76 21.21 24.01
N TYR A 51 -11.86 20.75 23.41
CA TYR A 51 -13.05 20.30 24.12
C TYR A 51 -13.41 18.89 23.68
N GLU A 52 -13.69 18.03 24.66
CA GLU A 52 -13.98 16.62 24.41
C GLU A 52 -15.48 16.45 24.19
N VAL A 53 -15.85 16.02 22.99
CA VAL A 53 -17.25 15.93 22.56
C VAL A 53 -17.64 14.46 22.47
N ASP A 54 -18.72 14.09 23.15
CA ASP A 54 -19.27 12.74 23.12
C ASP A 54 -20.69 12.78 22.60
N ILE A 55 -20.99 11.90 21.65
CA ILE A 55 -22.32 11.76 21.09
C ILE A 55 -22.95 10.49 21.67
N LYS A 56 -24.26 10.55 21.94
CA LYS A 56 -24.88 9.48 22.72
C LYS A 56 -25.20 8.22 21.91
N PRO A 57 -25.76 8.35 20.69
CA PRO A 57 -25.72 7.18 19.79
C PRO A 57 -24.30 6.93 19.32
N ASP A 58 -23.67 5.88 19.84
CA ASP A 58 -22.25 5.62 19.59
C ASP A 58 -22.02 5.05 18.20
N LYS A 59 -20.74 5.02 17.81
CA LYS A 59 -20.26 4.29 16.64
C LYS A 59 -21.05 4.67 15.38
N CYS A 60 -21.24 5.97 15.20
CA CYS A 60 -21.94 6.54 14.06
C CYS A 60 -20.94 7.00 13.01
N PRO A 61 -21.41 7.32 11.80
CA PRO A 61 -20.53 7.94 10.81
C PRO A 61 -19.96 9.26 11.30
N ARG A 62 -18.74 9.56 10.84
CA ARG A 62 -18.14 10.86 11.13
C ARG A 62 -18.94 11.99 10.49
N ARG A 63 -19.53 11.74 9.32
CA ARG A 63 -20.30 12.78 8.64
C ARG A 63 -21.51 13.20 9.47
N VAL A 64 -22.22 12.25 10.05
CA VAL A 64 -23.40 12.61 10.82
C VAL A 64 -22.99 13.30 12.11
N ASN A 65 -21.85 12.93 12.69
CA ASN A 65 -21.34 13.67 13.85
C ASN A 65 -21.01 15.11 13.47
N ARG A 66 -20.39 15.30 12.30
CA ARG A 66 -20.09 16.64 11.84
C ARG A 66 -21.36 17.47 11.65
N GLU A 67 -22.39 16.86 11.07
CA GLU A 67 -23.65 17.58 10.92
C GLU A 67 -24.30 17.86 12.27
N VAL A 68 -24.17 16.94 13.23
CA VAL A 68 -24.71 17.15 14.57
C VAL A 68 -24.08 18.37 15.21
N VAL A 69 -22.75 18.46 15.17
CA VAL A 69 -22.10 19.61 15.81
C VAL A 69 -22.38 20.89 15.03
N ASP A 70 -22.54 20.81 13.71
CA ASP A 70 -22.88 22.01 12.95
C ASP A 70 -24.25 22.55 13.36
N SER A 71 -25.24 21.66 13.48
CA SER A 71 -26.56 22.07 13.94
C SER A 71 -26.51 22.59 15.37
N MET A 72 -25.71 21.94 16.22
CA MET A 72 -25.55 22.40 17.60
C MET A 72 -25.01 23.83 17.65
N VAL A 73 -23.98 24.12 16.85
CA VAL A 73 -23.44 25.47 16.80
C VAL A 73 -24.47 26.44 16.26
N GLN A 74 -25.28 26.00 15.29
CA GLN A 74 -26.34 26.85 14.75
C GLN A 74 -27.32 27.26 15.84
N HIS A 75 -27.80 26.29 16.64
CA HIS A 75 -28.88 26.58 17.57
C HIS A 75 -28.40 27.09 18.93
N PHE A 76 -27.22 26.68 19.38
CA PHE A 76 -26.76 26.96 20.73
C PHE A 76 -25.68 28.04 20.78
N LYS A 77 -25.69 28.96 19.82
CA LYS A 77 -24.79 30.11 19.89
C LYS A 77 -25.30 31.21 20.81
N VAL A 78 -26.62 31.26 21.05
CA VAL A 78 -27.17 32.29 21.92
C VAL A 78 -26.57 32.20 23.31
N THR A 79 -26.32 30.97 23.78
CA THR A 79 -25.72 30.77 25.10
C THR A 79 -24.22 30.59 25.02
N ILE A 80 -23.75 29.61 24.25
CA ILE A 80 -22.38 29.14 24.40
C ILE A 80 -21.44 29.71 23.33
N PHE A 81 -21.68 29.34 22.07
CA PHE A 81 -20.67 29.58 21.05
C PHE A 81 -20.64 31.03 20.59
N GLY A 82 -21.81 31.65 20.46
CA GLY A 82 -21.86 33.06 20.06
C GLY A 82 -21.29 33.27 18.68
N ASP A 83 -20.29 34.15 18.60
CA ASP A 83 -19.68 34.51 17.32
C ASP A 83 -18.62 33.53 16.86
N ARG A 84 -18.22 32.58 17.71
CA ARG A 84 -17.12 31.69 17.37
C ARG A 84 -17.55 30.64 16.34
N ARG A 85 -16.56 30.05 15.68
CA ARG A 85 -16.78 29.04 14.63
C ARG A 85 -15.85 27.86 14.88
N PRO A 86 -16.14 27.02 15.86
CA PRO A 86 -15.22 25.94 16.23
C PRO A 86 -15.03 24.94 15.09
N VAL A 87 -14.06 24.06 15.28
CA VAL A 87 -13.71 23.03 14.31
C VAL A 87 -13.78 21.67 14.99
N TYR A 88 -14.09 20.65 14.21
CA TYR A 88 -14.46 19.34 14.73
C TYR A 88 -13.86 18.25 13.86
N ASP A 89 -13.36 17.21 14.51
CA ASP A 89 -12.67 16.12 13.82
C ASP A 89 -13.56 14.93 13.50
N GLY A 90 -14.86 15.00 13.78
CA GLY A 90 -15.74 13.86 13.55
C GLY A 90 -15.71 12.82 14.63
N LYS A 91 -15.13 13.15 15.79
CA LYS A 91 -14.69 12.23 16.84
C LYS A 91 -14.84 12.97 18.16
N ARG A 92 -13.96 12.71 19.12
CA ARG A 92 -14.11 13.34 20.42
C ARG A 92 -13.15 14.51 20.58
N SER A 93 -13.00 15.31 19.52
CA SER A 93 -12.09 16.46 19.57
C SER A 93 -12.69 17.65 18.85
N LEU A 94 -13.10 18.67 19.61
CA LEU A 94 -13.44 19.99 19.09
C LEU A 94 -12.38 20.99 19.51
N TYR A 95 -12.15 21.99 18.66
CA TYR A 95 -11.18 23.04 18.96
C TYR A 95 -11.82 24.41 18.79
N THR A 96 -11.40 25.35 19.64
CA THR A 96 -11.95 26.70 19.62
C THR A 96 -10.85 27.71 19.89
N ALA A 97 -10.92 28.84 19.18
CA ALA A 97 -9.89 29.87 19.28
C ALA A 97 -9.92 30.57 20.63
N ASN A 98 -11.09 31.08 21.02
CA ASN A 98 -11.27 31.68 22.34
C ASN A 98 -11.84 30.65 23.30
N PRO A 99 -11.65 30.83 24.62
CA PRO A 99 -12.24 29.89 25.58
C PRO A 99 -13.76 29.89 25.49
N LEU A 100 -14.35 28.78 25.95
CA LEU A 100 -15.77 28.60 25.80
C LEU A 100 -16.49 28.77 27.13
N PRO A 101 -17.67 29.39 27.14
CA PRO A 101 -18.39 29.62 28.40
C PRO A 101 -19.02 28.36 28.97
N VAL A 102 -18.22 27.32 29.21
CA VAL A 102 -18.70 26.10 29.86
C VAL A 102 -17.70 25.70 30.92
N ALA A 103 -18.17 24.93 31.89
CA ALA A 103 -17.41 24.64 33.09
C ALA A 103 -16.56 23.37 32.93
N THR A 104 -15.95 22.92 34.02
CA THR A 104 -15.22 21.66 34.00
C THR A 104 -16.15 20.48 33.78
N THR A 105 -17.29 20.47 34.46
CA THR A 105 -18.28 19.43 34.24
C THR A 105 -18.88 19.56 32.84
N GLY A 106 -19.26 18.43 32.27
CA GLY A 106 -19.77 18.42 30.92
C GLY A 106 -21.07 19.19 30.77
N VAL A 107 -21.39 19.49 29.52
CA VAL A 107 -22.61 20.21 29.16
C VAL A 107 -23.37 19.34 28.18
N ASP A 108 -24.55 18.86 28.58
CA ASP A 108 -25.36 17.99 27.75
C ASP A 108 -26.39 18.85 27.00
N LEU A 109 -26.38 18.74 25.67
CA LEU A 109 -27.28 19.51 24.81
C LEU A 109 -28.02 18.58 23.86
N ASP A 110 -29.25 18.95 23.52
CA ASP A 110 -30.09 18.18 22.63
C ASP A 110 -30.08 18.81 21.25
N VAL A 111 -29.91 17.99 20.22
CA VAL A 111 -29.91 18.46 18.84
C VAL A 111 -30.88 17.61 18.04
N THR A 112 -31.65 18.26 17.18
CA THR A 112 -32.59 17.57 16.31
C THR A 112 -31.98 17.37 14.92
N LEU A 113 -32.53 16.40 14.20
CA LEU A 113 -32.11 16.13 12.83
C LEU A 113 -33.21 15.45 12.04
N LYS A 119 -38.92 9.11 11.56
CA LYS A 119 -37.97 9.65 10.60
C LYS A 119 -36.95 10.58 11.24
N ASP A 120 -37.44 11.52 12.06
CA ASP A 120 -36.59 12.52 12.72
C ASP A 120 -36.00 11.91 13.98
N ARG A 121 -34.69 11.73 14.00
CA ARG A 121 -34.00 11.11 15.13
C ARG A 121 -33.04 12.10 15.78
N PRO A 122 -33.29 12.56 17.00
CA PRO A 122 -32.39 13.52 17.64
C PRO A 122 -31.25 12.84 18.39
N PHE A 123 -30.26 13.65 18.73
CA PHE A 123 -29.06 13.24 19.45
C PHE A 123 -28.91 14.05 20.72
N LYS A 124 -28.19 13.49 21.68
CA LYS A 124 -27.69 14.21 22.84
C LYS A 124 -26.17 14.21 22.79
N VAL A 125 -25.57 15.33 23.17
CA VAL A 125 -24.13 15.53 23.06
C VAL A 125 -23.60 16.10 24.37
N SER A 126 -22.40 15.65 24.77
CA SER A 126 -21.75 16.05 26.01
C SER A 126 -20.38 16.65 25.70
N ILE A 127 -20.30 17.97 25.61
CA ILE A 127 -19.04 18.66 25.34
C ILE A 127 -18.45 19.13 26.67
N LYS A 128 -17.13 19.05 26.79
CA LYS A 128 -16.46 19.28 28.07
C LYS A 128 -15.00 19.60 27.83
N PHE A 129 -14.50 20.65 28.46
CA PHE A 129 -13.10 21.04 28.32
C PHE A 129 -12.19 19.99 28.95
N VAL A 130 -11.09 19.67 28.26
CA VAL A 130 -10.10 18.70 28.76
C VAL A 130 -8.74 19.35 28.96
N SER A 131 -8.27 20.12 27.98
CA SER A 131 -6.96 20.77 28.03
C SER A 131 -6.88 21.80 26.91
N ARG A 132 -5.71 22.46 26.82
CA ARG A 132 -5.44 23.48 25.83
C ARG A 132 -4.07 23.22 25.22
N VAL A 133 -3.97 23.36 23.90
CA VAL A 133 -2.73 23.07 23.17
C VAL A 133 -2.08 24.40 22.78
N SER A 134 -0.77 24.49 23.01
CA SER A 134 -0.01 25.72 22.81
C SER A 134 0.69 25.65 21.47
N TRP A 135 0.17 26.39 20.49
CA TRP A 135 0.90 26.61 19.25
C TRP A 135 2.13 27.49 19.47
N HIS A 136 2.20 28.17 20.62
CA HIS A 136 3.42 28.86 21.00
C HIS A 136 4.59 27.88 21.10
N LEU A 137 4.36 26.74 21.76
CA LEU A 137 5.40 25.73 21.84
C LEU A 137 5.76 25.18 20.47
N LEU A 138 4.78 25.05 19.58
CA LEU A 138 5.06 24.57 18.23
C LEU A 138 5.94 25.58 17.49
N HIS A 139 5.58 26.85 17.57
CA HIS A 139 6.39 27.90 16.92
C HIS A 139 7.80 27.91 17.49
N GLU A 140 7.94 27.68 18.80
CA GLU A 140 9.27 27.55 19.40
C GLU A 140 10.01 26.31 18.90
N VAL A 141 9.29 25.22 18.60
CA VAL A 141 9.94 24.02 18.11
C VAL A 141 10.43 24.21 16.68
N LEU A 142 9.57 24.76 15.81
CA LEU A 142 9.87 24.82 14.38
C LEU A 142 11.10 25.68 14.11
N THR A 143 11.28 26.77 14.86
CA THR A 143 12.44 27.62 14.72
C THR A 143 13.67 27.06 15.42
N GLY A 144 13.52 25.95 16.14
CA GLY A 144 14.64 25.35 16.85
C GLY A 144 15.08 26.10 18.09
N ARG A 145 14.38 27.16 18.50
CA ARG A 145 14.80 27.92 19.66
C ARG A 145 14.73 27.08 20.94
N THR A 146 13.75 26.19 21.03
CA THR A 146 13.63 25.26 22.16
C THR A 146 13.71 23.84 21.67
N LEU A 147 14.36 22.99 22.45
CA LEU A 147 14.47 21.57 22.11
C LEU A 147 13.17 20.85 22.43
N PRO A 148 12.57 20.13 21.47
CA PRO A 148 11.18 19.69 21.63
C PRO A 148 10.99 18.47 22.51
N GLU A 149 12.02 17.63 22.70
CA GLU A 149 11.83 16.35 23.39
C GLU A 149 12.58 16.37 24.72
N PRO A 150 11.91 16.63 25.85
CA PRO A 150 12.53 16.70 27.16
C PRO A 150 12.74 15.33 27.80
N ILE A 157 -2.84 11.84 20.42
CA ILE A 157 -4.11 12.07 19.74
C ILE A 157 -4.38 13.57 19.59
N SER A 158 -5.38 14.08 20.31
CA SER A 158 -5.76 15.48 20.21
C SER A 158 -4.85 16.42 21.01
N THR A 159 -4.10 15.91 21.97
CA THR A 159 -3.33 16.78 22.84
C THR A 159 -2.05 17.31 22.18
N ASN A 160 -1.67 16.80 20.99
CA ASN A 160 -0.56 17.53 20.39
C ASN A 160 -1.09 18.60 19.45
N PRO A 161 -0.32 19.68 19.25
CA PRO A 161 -0.87 20.83 18.50
C PRO A 161 -0.92 20.63 16.99
N VAL A 162 -0.01 19.82 16.44
CA VAL A 162 -0.02 19.61 15.01
C VAL A 162 -1.32 18.92 14.59
N HIS A 163 -1.84 18.03 15.43
CA HIS A 163 -3.14 17.43 15.15
C HIS A 163 -4.23 18.48 15.12
N ALA A 164 -4.16 19.47 16.02
CA ALA A 164 -5.14 20.56 16.00
C ALA A 164 -5.05 21.36 14.72
N VAL A 165 -3.83 21.63 14.24
CA VAL A 165 -3.66 22.31 12.96
C VAL A 165 -4.30 21.48 11.86
N ASP A 166 -4.06 20.16 11.88
CA ASP A 166 -4.66 19.25 10.91
C ASP A 166 -6.18 19.38 10.91
N VAL A 167 -6.77 19.39 12.10
CA VAL A 167 -8.23 19.49 12.22
C VAL A 167 -8.73 20.82 11.67
N VAL A 168 -8.05 21.91 11.99
CA VAL A 168 -8.47 23.23 11.51
C VAL A 168 -8.48 23.25 9.99
N LEU A 169 -7.41 22.73 9.37
CA LEU A 169 -7.35 22.77 7.92
C LEU A 169 -8.29 21.75 7.27
N ARG A 170 -8.58 20.64 7.95
CA ARG A 170 -9.44 19.60 7.40
C ARG A 170 -10.92 19.91 7.56
N HIS A 171 -11.28 20.83 8.46
CA HIS A 171 -12.69 21.04 8.78
C HIS A 171 -13.49 21.49 7.55
N LEU A 172 -13.01 22.50 6.82
CA LEU A 172 -13.80 23.04 5.72
C LEU A 172 -14.01 22.03 4.59
N PRO A 173 -12.97 21.42 4.01
CA PRO A 173 -13.23 20.50 2.87
C PRO A 173 -14.12 19.34 3.25
N SER A 174 -14.07 18.89 4.50
CA SER A 174 -14.92 17.81 4.96
C SER A 174 -16.40 18.17 4.99
N MET A 175 -16.73 19.46 4.90
CA MET A 175 -18.11 19.88 4.72
C MET A 175 -18.49 20.09 3.26
N LYS A 176 -17.53 20.46 2.41
CA LYS A 176 -17.81 20.73 1.01
C LYS A 176 -17.64 19.51 0.12
N TYR A 177 -16.82 18.55 0.52
CA TYR A 177 -16.45 17.45 -0.36
C TYR A 177 -16.69 16.12 0.35
N THR A 178 -16.81 15.06 -0.46
CA THR A 178 -17.04 13.72 0.06
C THR A 178 -15.74 13.13 0.57
N PRO A 179 -15.60 12.92 1.88
CA PRO A 179 -14.31 12.54 2.46
C PRO A 179 -14.08 11.04 2.52
N VAL A 180 -12.87 10.65 2.14
CA VAL A 180 -12.41 9.28 2.25
C VAL A 180 -11.03 9.32 2.93
N GLY A 181 -10.92 8.69 4.09
CA GLY A 181 -9.65 8.65 4.80
C GLY A 181 -9.09 10.03 5.03
N ARG A 182 -7.85 10.24 4.59
CA ARG A 182 -7.22 11.56 4.63
C ARG A 182 -7.51 12.39 3.39
N SER A 183 -8.27 11.87 2.44
CA SER A 183 -8.46 12.48 1.14
C SER A 183 -9.89 13.02 1.01
N PHE A 184 -10.12 13.73 -0.10
CA PHE A 184 -11.37 14.44 -0.36
C PHE A 184 -11.67 14.36 -1.85
N PHE A 185 -12.91 14.01 -2.20
CA PHE A 185 -13.33 13.87 -3.58
C PHE A 185 -14.62 14.65 -3.83
N SER A 186 -14.96 14.81 -5.11
CA SER A 186 -16.21 15.46 -5.49
C SER A 186 -16.57 15.03 -6.91
N ALA A 187 -17.88 15.15 -7.23
CA ALA A 187 -18.45 14.67 -8.49
C ALA A 187 -18.17 15.65 -9.62
N PRO A 188 -17.87 15.16 -10.83
CA PRO A 188 -17.78 15.97 -12.03
C PRO A 188 -18.94 15.74 -13.00
N ASP A 192 -17.48 14.77 -16.95
CA ASP A 192 -17.87 13.41 -16.57
C ASP A 192 -17.09 12.37 -17.37
N HIS A 193 -16.57 11.35 -16.69
CA HIS A 193 -15.71 10.34 -17.31
C HIS A 193 -16.22 8.95 -16.96
N PRO A 194 -17.20 8.44 -17.71
CA PRO A 194 -17.76 7.12 -17.39
C PRO A 194 -16.73 6.01 -17.49
N LEU A 195 -16.67 5.19 -16.44
CA LEU A 195 -15.89 3.96 -16.48
C LEU A 195 -16.67 2.81 -17.11
N GLY A 196 -17.98 2.92 -17.20
CA GLY A 196 -18.82 1.82 -17.60
C GLY A 196 -19.35 1.03 -16.41
N GLY A 197 -20.47 0.34 -16.65
CA GLY A 197 -21.12 -0.40 -15.58
C GLY A 197 -21.71 0.49 -14.51
N GLY A 198 -22.33 1.60 -14.90
CA GLY A 198 -22.90 2.52 -13.94
C GLY A 198 -21.89 3.22 -13.05
N ARG A 199 -20.62 3.20 -13.44
CA ARG A 199 -19.54 3.75 -12.64
C ARG A 199 -18.91 4.95 -13.35
N GLU A 200 -18.16 5.73 -12.58
CA GLU A 200 -17.51 6.93 -13.08
C GLU A 200 -16.34 7.24 -12.15
N VAL A 201 -15.37 7.97 -12.65
CA VAL A 201 -14.19 8.34 -11.86
C VAL A 201 -14.39 9.75 -11.32
N TRP A 202 -14.32 9.86 -10.00
CA TRP A 202 -14.34 11.13 -9.30
C TRP A 202 -12.90 11.54 -9.00
N PHE A 203 -12.57 12.79 -9.28
CA PHE A 203 -11.26 13.35 -8.95
C PHE A 203 -11.28 13.98 -7.57
N GLY A 204 -10.09 14.36 -7.10
CA GLY A 204 -9.98 15.01 -5.81
C GLY A 204 -8.53 15.07 -5.37
N PHE A 205 -8.36 15.39 -4.10
CA PHE A 205 -7.02 15.59 -3.57
C PHE A 205 -6.85 14.84 -2.26
N HIS A 206 -5.60 14.73 -1.85
CA HIS A 206 -5.21 14.27 -0.54
C HIS A 206 -4.58 15.43 0.22
N GLN A 207 -5.01 15.60 1.46
CA GLN A 207 -4.58 16.71 2.31
C GLN A 207 -3.93 16.15 3.57
N SER A 208 -2.86 16.80 4.01
CA SER A 208 -2.09 16.38 5.18
C SER A 208 -1.18 17.51 5.59
N VAL A 209 -0.92 17.59 6.90
CA VAL A 209 -0.02 18.60 7.46
C VAL A 209 1.07 17.91 8.27
N ARG A 210 2.22 18.57 8.33
CA ARG A 210 3.39 18.02 9.01
C ARG A 210 4.29 19.16 9.45
N PRO A 211 5.02 19.01 10.56
CA PRO A 211 5.93 20.07 10.99
C PRO A 211 7.26 19.98 10.25
N ALA A 212 7.68 21.09 9.65
CA ALA A 212 8.97 21.15 8.97
C ALA A 212 9.78 22.31 9.51
N MET A 213 10.87 22.67 8.82
CA MET A 213 11.72 23.74 9.31
C MET A 213 11.03 25.10 9.14
N TRP A 214 10.88 25.81 10.26
CA TRP A 214 10.38 27.18 10.40
C TRP A 214 8.88 27.32 10.23
N LYS A 215 8.19 26.29 9.73
CA LYS A 215 6.81 26.46 9.31
C LYS A 215 6.11 25.11 9.24
N MET A 216 4.83 25.12 9.56
CA MET A 216 3.98 23.97 9.29
C MET A 216 3.78 23.82 7.78
N MET A 217 3.88 22.59 7.29
CA MET A 217 3.75 22.29 5.88
C MET A 217 2.45 21.53 5.62
N LEU A 218 1.88 21.75 4.44
CA LEU A 218 0.62 21.16 4.02
C LEU A 218 0.86 20.35 2.76
N ASN A 219 0.65 19.03 2.84
CA ASN A 219 0.77 18.16 1.68
C ASN A 219 -0.55 18.10 0.94
N ILE A 220 -0.52 18.39 -0.36
CA ILE A 220 -1.70 18.28 -1.19
C ILE A 220 -1.31 17.52 -2.46
N ASP A 221 -1.93 16.37 -2.67
CA ASP A 221 -1.61 15.49 -3.79
C ASP A 221 -2.90 15.23 -4.58
N VAL A 222 -2.74 14.78 -5.82
CA VAL A 222 -3.88 14.48 -6.68
C VAL A 222 -4.27 13.02 -6.53
N SER A 223 -5.57 12.76 -6.41
CA SER A 223 -6.09 11.40 -6.33
C SER A 223 -7.43 11.31 -7.05
N ALA A 224 -7.83 10.09 -7.35
CA ALA A 224 -9.11 9.85 -8.01
C ALA A 224 -9.54 8.43 -7.70
N THR A 225 -10.85 8.19 -7.81
CA THR A 225 -11.40 6.88 -7.45
C THR A 225 -12.70 6.66 -8.21
N ALA A 226 -13.40 5.58 -7.86
CA ALA A 226 -14.56 5.10 -8.61
C ALA A 226 -15.82 5.22 -7.77
N PHE A 227 -16.88 5.75 -8.38
CA PHE A 227 -18.16 6.01 -7.74
C PHE A 227 -19.29 5.53 -8.63
N TYR A 228 -20.45 5.27 -8.02
CA TYR A 228 -21.62 4.91 -8.79
C TYR A 228 -22.32 6.17 -9.29
N LYS A 229 -22.49 6.27 -10.60
CA LYS A 229 -23.13 7.44 -11.20
C LYS A 229 -24.55 7.59 -10.70
N ALA A 230 -24.94 8.83 -10.39
CA ALA A 230 -26.29 9.11 -9.92
C ALA A 230 -27.23 9.19 -11.13
N GLN A 231 -28.22 8.28 -11.17
CA GLN A 231 -29.11 8.13 -12.31
C GLN A 231 -30.27 7.20 -11.95
N PRO A 232 -31.35 7.16 -12.74
CA PRO A 232 -32.42 6.20 -12.46
C PRO A 232 -31.92 4.77 -12.56
N VAL A 233 -32.49 3.91 -11.71
CA VAL A 233 -32.04 2.52 -11.65
C VAL A 233 -32.33 1.79 -12.95
N ILE A 234 -33.33 2.26 -13.71
CA ILE A 234 -33.56 1.70 -15.04
C ILE A 234 -32.29 1.82 -15.88
N GLN A 235 -31.69 3.01 -15.90
CA GLN A 235 -30.49 3.20 -16.70
C GLN A 235 -29.27 2.55 -16.06
N PHE A 236 -29.23 2.43 -14.73
CA PHE A 236 -28.14 1.70 -14.09
C PHE A 236 -28.15 0.24 -14.51
N MET A 237 -29.32 -0.41 -14.48
CA MET A 237 -29.44 -1.77 -14.97
C MET A 237 -29.10 -1.84 -16.45
N CYS A 238 -29.63 -0.90 -17.23
CA CYS A 238 -29.39 -0.84 -18.67
C CYS A 238 -27.89 -0.82 -18.97
N GLU A 239 -27.14 -0.03 -18.20
CA GLU A 239 -25.70 0.10 -18.36
C GLU A 239 -24.95 -1.12 -17.82
N VAL A 240 -25.48 -1.77 -16.79
CA VAL A 240 -24.82 -2.95 -16.23
C VAL A 240 -24.90 -4.11 -17.22
N LEU A 241 -26.08 -4.36 -17.77
CA LEU A 241 -26.28 -5.53 -18.63
C LEU A 241 -26.02 -5.24 -20.10
N ASP A 242 -25.76 -3.99 -20.46
CA ASP A 242 -25.52 -3.59 -21.85
C ASP A 242 -26.73 -3.92 -22.74
N ILE A 243 -27.91 -3.59 -22.22
CA ILE A 243 -29.14 -3.69 -23.03
C ILE A 243 -29.34 -2.31 -23.66
N HIS A 244 -28.66 -2.11 -24.79
CA HIS A 244 -28.57 -0.75 -25.36
C HIS A 244 -29.95 -0.14 -25.58
N ASN A 245 -30.93 -0.94 -25.98
CA ASN A 245 -32.29 -0.46 -26.18
C ASN A 245 -33.27 -1.41 -25.51
N ILE A 246 -34.05 -0.89 -24.57
CA ILE A 246 -35.10 -1.66 -23.93
C ILE A 246 -36.49 -1.09 -24.19
N ASP A 247 -36.58 0.17 -24.60
CA ASP A 247 -37.89 0.76 -24.86
C ASP A 247 -38.56 0.13 -26.07
N GLU A 248 -37.83 -0.01 -27.17
CA GLU A 248 -38.43 -0.46 -28.42
C GLU A 248 -38.55 -1.97 -28.50
N GLN A 249 -37.73 -2.71 -27.77
CA GLN A 249 -37.83 -4.17 -27.68
C GLN A 249 -38.03 -4.50 -26.21
N PRO A 250 -39.26 -4.34 -25.70
CA PRO A 250 -39.52 -4.53 -24.26
C PRO A 250 -39.40 -5.99 -23.85
N ARG A 251 -38.36 -6.30 -23.07
CA ARG A 251 -38.04 -7.67 -22.73
C ARG A 251 -38.02 -7.87 -21.22
N PRO A 252 -38.38 -9.06 -20.74
CA PRO A 252 -38.60 -9.28 -19.32
C PRO A 252 -37.39 -9.72 -18.50
N LEU A 253 -36.16 -9.52 -19.01
CA LEU A 253 -34.93 -9.92 -18.32
C LEU A 253 -34.81 -11.44 -18.28
N THR A 254 -33.69 -11.95 -17.77
CA THR A 254 -33.42 -13.39 -17.76
C THR A 254 -32.94 -13.80 -16.36
N ASP A 255 -32.64 -15.10 -16.22
CA ASP A 255 -32.03 -15.58 -14.98
C ASP A 255 -30.62 -15.04 -14.84
N SER A 256 -29.80 -15.17 -15.88
CA SER A 256 -28.45 -14.63 -15.84
C SER A 256 -28.47 -13.13 -15.66
N HIS A 257 -29.33 -12.44 -16.43
CA HIS A 257 -29.47 -10.99 -16.29
C HIS A 257 -29.80 -10.62 -14.85
N ARG A 258 -30.79 -11.30 -14.28
CA ARG A 258 -31.21 -10.99 -12.92
C ARG A 258 -30.10 -11.25 -11.91
N VAL A 259 -29.35 -12.35 -12.08
CA VAL A 259 -28.27 -12.64 -11.15
C VAL A 259 -27.21 -11.54 -11.19
N LYS A 260 -26.80 -11.13 -12.40
CA LYS A 260 -25.80 -10.08 -12.51
C LYS A 260 -26.32 -8.77 -11.91
N PHE A 261 -27.57 -8.42 -12.21
CA PHE A 261 -28.12 -7.16 -11.73
C PHE A 261 -28.25 -7.15 -10.21
N THR A 262 -28.67 -8.27 -9.62
CA THR A 262 -28.70 -8.35 -8.16
C THR A 262 -27.30 -8.21 -7.59
N LYS A 263 -26.31 -8.88 -8.20
CA LYS A 263 -24.93 -8.70 -7.75
C LYS A 263 -24.55 -7.22 -7.71
N GLU A 264 -24.91 -6.48 -8.76
CA GLU A 264 -24.47 -5.09 -8.85
C GLU A 264 -25.36 -4.11 -8.09
N ILE A 265 -26.56 -4.50 -7.66
CA ILE A 265 -27.45 -3.54 -7.01
C ILE A 265 -27.55 -3.84 -5.53
N LYS A 266 -27.37 -5.11 -5.15
CA LYS A 266 -27.51 -5.50 -3.75
C LYS A 266 -26.42 -4.83 -2.92
N GLY A 267 -26.83 -4.09 -1.90
CA GLY A 267 -25.93 -3.36 -1.04
C GLY A 267 -25.94 -1.86 -1.25
N LEU A 268 -26.51 -1.38 -2.33
CA LEU A 268 -26.45 0.05 -2.64
C LEU A 268 -27.63 0.79 -2.03
N LYS A 269 -27.66 2.10 -2.27
CA LYS A 269 -28.66 3.00 -1.73
C LYS A 269 -29.46 3.62 -2.87
N VAL A 270 -30.78 3.70 -2.70
CA VAL A 270 -31.67 4.16 -3.75
C VAL A 270 -32.65 5.18 -3.18
N GLU A 271 -33.09 6.10 -4.02
CA GLU A 271 -34.06 7.11 -3.63
C GLU A 271 -35.31 6.99 -4.49
N VAL A 272 -36.44 7.41 -3.92
CA VAL A 272 -37.77 7.13 -4.46
C VAL A 272 -38.37 8.42 -5.00
N THR A 273 -38.72 8.41 -6.28
CA THR A 273 -39.18 9.61 -6.96
C THR A 273 -40.70 9.78 -6.95
N HIS A 274 -41.45 8.78 -6.52
CA HIS A 274 -42.91 8.93 -6.54
C HIS A 274 -43.47 9.46 -5.24
N CYS A 275 -42.82 9.18 -4.11
CA CYS A 275 -43.26 9.71 -2.83
C CYS A 275 -42.85 11.17 -2.69
N MET A 278 -41.15 13.84 -3.10
CA MET A 278 -39.90 14.30 -2.51
C MET A 278 -38.99 13.10 -2.26
N ARG A 279 -37.77 13.36 -1.80
CA ARG A 279 -36.78 12.29 -1.65
C ARG A 279 -37.22 11.29 -0.60
N ARG A 280 -36.76 10.05 -0.76
CA ARG A 280 -36.99 8.98 0.20
C ARG A 280 -35.98 7.87 -0.07
N LYS A 281 -35.13 7.55 0.91
CA LYS A 281 -33.93 6.75 0.68
C LYS A 281 -34.02 5.41 1.39
N TYR A 282 -33.65 4.35 0.68
CA TYR A 282 -33.65 2.98 1.16
C TYR A 282 -32.33 2.32 0.83
N ARG A 283 -32.03 1.24 1.55
CA ARG A 283 -30.87 0.39 1.27
C ARG A 283 -31.38 -0.89 0.61
N VAL A 284 -31.07 -1.05 -0.67
CA VAL A 284 -31.59 -2.20 -1.42
C VAL A 284 -30.80 -3.45 -1.06
N CYS A 285 -31.51 -4.50 -0.67
CA CYS A 285 -30.86 -5.73 -0.20
C CYS A 285 -31.21 -6.97 -1.01
N ASN A 286 -32.09 -6.87 -2.02
CA ASN A 286 -32.29 -7.95 -2.98
C ASN A 286 -33.24 -7.47 -4.08
N VAL A 287 -33.32 -8.28 -5.14
CA VAL A 287 -34.20 -8.01 -6.27
C VAL A 287 -35.11 -9.22 -6.47
N THR A 288 -36.40 -8.95 -6.68
CA THR A 288 -37.38 -10.01 -6.80
C THR A 288 -37.03 -10.99 -7.91
N ARG A 289 -37.54 -12.20 -7.78
CA ARG A 289 -37.41 -13.22 -8.82
C ARG A 289 -38.44 -13.06 -9.93
N ARG A 290 -39.41 -12.18 -9.77
CA ARG A 290 -40.51 -12.08 -10.72
C ARG A 290 -40.89 -10.62 -10.92
N PRO A 291 -41.52 -10.28 -12.05
CA PRO A 291 -41.78 -8.87 -12.34
C PRO A 291 -42.87 -8.28 -11.47
N ALA A 292 -43.07 -6.97 -11.60
CA ALA A 292 -44.16 -6.30 -10.89
C ALA A 292 -45.53 -6.77 -11.33
N SER A 293 -45.65 -7.29 -12.56
CA SER A 293 -46.92 -7.83 -13.01
C SER A 293 -47.33 -9.03 -12.16
N HIS A 294 -46.39 -9.91 -11.85
CA HIS A 294 -46.65 -11.15 -11.15
C HIS A 294 -46.22 -11.14 -9.69
N GLN A 295 -45.60 -10.05 -9.23
CA GLN A 295 -45.11 -9.99 -7.86
C GLN A 295 -46.28 -9.62 -6.94
N THR A 296 -46.64 -10.53 -6.05
CA THR A 296 -47.77 -10.34 -5.16
C THR A 296 -47.31 -10.21 -3.72
N PHE A 297 -47.96 -9.31 -2.99
CA PHE A 297 -47.73 -9.10 -1.58
C PHE A 297 -49.06 -9.04 -0.85
N PRO A 298 -49.09 -9.41 0.43
CA PRO A 298 -50.31 -9.18 1.21
C PRO A 298 -50.43 -7.72 1.62
N LEU A 299 -51.28 -6.97 0.94
CA LEU A 299 -51.57 -5.61 1.35
C LEU A 299 -52.18 -5.61 2.74
N GLN A 300 -51.63 -4.78 3.62
CA GLN A 300 -52.02 -4.69 5.02
C GLN A 300 -53.04 -3.57 5.18
N LEU A 301 -54.25 -3.94 5.60
CA LEU A 301 -55.30 -2.97 5.87
C LEU A 301 -55.37 -2.69 7.37
N GLU A 302 -56.15 -1.68 7.73
CA GLU A 302 -56.40 -1.43 9.15
C GLU A 302 -57.20 -2.58 9.72
N ASN A 303 -57.02 -2.82 11.03
CA ASN A 303 -57.58 -3.95 11.75
C ASN A 303 -56.91 -5.27 11.39
N GLY A 304 -55.69 -5.21 10.86
CA GLY A 304 -54.97 -6.42 10.51
C GLY A 304 -55.62 -7.25 9.42
N GLN A 305 -56.11 -6.62 8.38
CA GLN A 305 -56.75 -7.32 7.27
C GLN A 305 -55.76 -7.49 6.11
N THR A 306 -55.98 -8.53 5.32
CA THR A 306 -55.06 -8.94 4.26
C THR A 306 -55.74 -8.89 2.91
N VAL A 307 -55.08 -8.27 1.93
CA VAL A 307 -55.57 -8.27 0.56
C VAL A 307 -54.40 -8.55 -0.39
N GLU A 308 -54.37 -9.75 -0.95
CA GLU A 308 -53.28 -10.08 -1.87
C GLU A 308 -53.36 -9.21 -3.12
N ARG A 309 -52.27 -8.53 -3.46
CA ARG A 309 -52.27 -7.66 -4.62
C ARG A 309 -50.90 -7.68 -5.29
N THR A 310 -50.88 -7.36 -6.58
CA THR A 310 -49.62 -7.29 -7.31
C THR A 310 -49.06 -5.87 -7.25
N VAL A 311 -47.74 -5.76 -7.38
CA VAL A 311 -47.06 -4.48 -7.21
C VAL A 311 -47.51 -3.48 -8.27
N ALA A 312 -47.59 -3.93 -9.51
CA ALA A 312 -48.06 -3.04 -10.57
C ALA A 312 -49.50 -2.60 -10.32
N GLN A 313 -50.36 -3.54 -9.93
CA GLN A 313 -51.72 -3.19 -9.56
C GLN A 313 -51.74 -2.20 -8.41
N TYR A 314 -50.86 -2.42 -7.42
CA TYR A 314 -50.80 -1.55 -6.24
C TYR A 314 -50.45 -0.12 -6.63
N PHE A 315 -49.40 0.05 -7.46
CA PHE A 315 -49.01 1.40 -7.86
C PHE A 315 -50.01 2.01 -8.82
N ARG A 316 -50.78 1.18 -9.53
CA ARG A 316 -51.83 1.70 -10.40
C ARG A 316 -53.01 2.23 -9.58
N GLU A 317 -53.43 1.47 -8.57
CA GLU A 317 -54.65 1.80 -7.84
C GLU A 317 -54.42 2.80 -6.70
N LYS A 318 -53.22 2.84 -6.13
CA LYS A 318 -52.95 3.78 -5.06
C LYS A 318 -52.30 5.07 -5.54
N TYR A 319 -51.50 5.00 -6.60
CA TYR A 319 -50.71 6.15 -7.05
C TYR A 319 -51.15 6.69 -8.39
N THR A 320 -52.05 6.01 -9.10
CA THR A 320 -52.41 6.35 -10.48
C THR A 320 -51.16 6.44 -11.34
N LEU A 321 -50.45 5.32 -11.43
CA LEU A 321 -49.15 5.24 -12.11
C LEU A 321 -49.15 4.04 -13.04
N GLN A 322 -49.22 4.29 -14.33
CA GLN A 322 -49.10 3.25 -15.34
C GLN A 322 -47.63 2.87 -15.43
N LEU A 323 -47.24 1.79 -14.76
CA LEU A 323 -45.84 1.36 -14.76
C LEU A 323 -45.34 1.14 -16.18
N LYS A 324 -44.29 1.87 -16.55
CA LYS A 324 -43.74 1.74 -17.89
C LYS A 324 -43.09 0.38 -18.10
N TYR A 325 -42.44 -0.16 -17.07
CA TYR A 325 -41.72 -1.44 -17.15
C TYR A 325 -42.18 -2.33 -16.02
N PRO A 326 -43.42 -2.86 -16.09
CA PRO A 326 -43.84 -3.85 -15.09
C PRO A 326 -43.28 -5.23 -15.35
N HIS A 327 -42.76 -5.49 -16.55
CA HIS A 327 -42.10 -6.75 -16.85
C HIS A 327 -40.74 -6.87 -16.17
N LEU A 328 -40.21 -5.77 -15.63
CA LEU A 328 -38.93 -5.77 -14.95
C LEU A 328 -39.10 -6.04 -13.45
N PRO A 329 -38.09 -6.67 -12.83
CA PRO A 329 -38.24 -7.06 -11.42
C PRO A 329 -38.28 -5.88 -10.45
N CYS A 330 -38.32 -6.17 -9.16
CA CYS A 330 -38.45 -5.14 -8.13
C CYS A 330 -37.31 -5.26 -7.12
N LEU A 331 -36.85 -4.09 -6.67
CA LEU A 331 -35.90 -4.00 -5.56
C LEU A 331 -36.62 -4.31 -4.26
N GLN A 332 -36.04 -5.20 -3.47
CA GLN A 332 -36.54 -5.50 -2.12
C GLN A 332 -35.70 -4.70 -1.14
N VAL A 333 -36.25 -3.60 -0.65
CA VAL A 333 -35.49 -2.73 0.24
C VAL A 333 -35.76 -3.02 1.72
N GLY A 334 -36.96 -3.49 2.05
CA GLY A 334 -37.34 -3.68 3.43
C GLY A 334 -36.76 -4.94 4.05
N GLN A 335 -36.90 -5.02 5.37
CA GLN A 335 -36.41 -6.17 6.12
C GLN A 335 -37.31 -7.39 5.91
N GLU A 336 -36.85 -8.54 6.44
CA GLU A 336 -37.59 -9.77 6.25
C GLU A 336 -38.97 -9.71 6.89
N GLN A 337 -39.15 -8.86 7.90
CA GLN A 337 -40.47 -8.67 8.48
C GLN A 337 -41.36 -7.84 7.57
N LYS A 338 -40.82 -6.77 6.99
CA LYS A 338 -41.62 -5.80 6.25
C LYS A 338 -41.74 -6.15 4.77
N HIS A 339 -40.63 -6.51 4.12
CA HIS A 339 -40.64 -7.05 2.75
C HIS A 339 -41.31 -6.07 1.78
N THR A 340 -40.64 -4.93 1.62
CA THR A 340 -41.09 -3.88 0.72
C THR A 340 -40.58 -4.15 -0.70
N TYR A 341 -41.39 -3.78 -1.69
CA TYR A 341 -41.11 -4.07 -3.11
C TYR A 341 -41.29 -2.80 -3.92
N LEU A 342 -40.20 -2.31 -4.52
CA LEU A 342 -40.25 -1.11 -5.35
C LEU A 342 -39.89 -1.44 -6.79
N PRO A 343 -40.66 -1.00 -7.79
CA PRO A 343 -40.24 -1.21 -9.18
C PRO A 343 -38.95 -0.44 -9.46
N LEU A 344 -38.17 -0.96 -10.41
CA LEU A 344 -37.03 -0.18 -10.90
C LEU A 344 -37.48 1.12 -11.53
N GLU A 345 -38.76 1.20 -11.90
CA GLU A 345 -39.26 2.34 -12.66
C GLU A 345 -39.19 3.64 -11.86
N VAL A 346 -39.33 3.59 -10.53
CA VAL A 346 -39.45 4.79 -9.71
C VAL A 346 -38.18 5.13 -8.94
N CYS A 347 -37.17 4.27 -8.94
CA CYS A 347 -36.00 4.44 -8.10
C CYS A 347 -34.83 5.05 -8.86
N ASN A 348 -34.05 5.86 -8.15
CA ASN A 348 -32.82 6.44 -8.65
C ASN A 348 -31.65 6.02 -7.77
N ILE A 349 -30.45 6.03 -8.34
CA ILE A 349 -29.25 5.73 -7.57
C ILE A 349 -28.83 6.98 -6.82
N VAL A 350 -28.67 6.85 -5.50
CA VAL A 350 -28.29 7.98 -4.66
C VAL A 350 -26.85 8.37 -4.95
N ALA A 351 -26.62 9.67 -5.15
CA ALA A 351 -25.30 10.17 -5.50
C ALA A 351 -24.32 10.03 -4.33
N GLY A 352 -23.07 9.74 -4.65
CA GLY A 352 -22.01 9.76 -3.67
C GLY A 352 -21.76 8.45 -2.95
N GLN A 353 -21.72 7.34 -3.69
CA GLN A 353 -21.41 6.03 -3.15
C GLN A 353 -20.24 5.46 -3.93
N ARG A 354 -19.14 5.18 -3.25
CA ARG A 354 -17.93 4.74 -3.93
C ARG A 354 -17.91 3.23 -4.10
N CYS A 355 -17.39 2.78 -5.24
CA CYS A 355 -17.33 1.36 -5.53
C CYS A 355 -16.30 0.68 -4.64
N ILE A 356 -16.74 -0.29 -3.86
CA ILE A 356 -15.86 -1.02 -2.95
C ILE A 356 -15.46 -2.37 -3.56
N LYS A 357 -16.36 -2.97 -4.33
CA LYS A 357 -16.07 -4.25 -4.98
C LYS A 357 -15.09 -4.04 -6.13
N LYS A 358 -14.22 -5.03 -6.36
CA LYS A 358 -13.12 -4.89 -7.31
C LYS A 358 -13.62 -4.46 -8.68
N LEU A 359 -12.90 -3.51 -9.27
CA LEU A 359 -13.16 -3.14 -10.65
C LEU A 359 -12.72 -4.27 -11.58
N THR A 360 -13.33 -4.31 -12.76
CA THR A 360 -12.96 -5.30 -13.76
C THR A 360 -11.64 -4.92 -14.41
N ASP A 361 -11.15 -5.81 -15.28
CA ASP A 361 -9.97 -5.48 -16.07
C ASP A 361 -10.25 -4.27 -16.95
N ASN A 362 -11.43 -4.25 -17.58
CA ASN A 362 -11.80 -3.18 -18.51
C ASN A 362 -11.90 -1.84 -17.79
N GLN A 363 -12.59 -1.82 -16.65
CA GLN A 363 -12.74 -0.58 -15.89
C GLN A 363 -11.39 -0.07 -15.40
N THR A 364 -10.53 -0.97 -14.93
CA THR A 364 -9.19 -0.59 -14.49
C THR A 364 -8.41 0.06 -15.62
N SER A 365 -8.44 -0.57 -16.80
CA SER A 365 -7.74 -0.01 -17.94
C SER A 365 -8.29 1.37 -18.29
N THR A 366 -9.61 1.51 -18.33
CA THR A 366 -10.19 2.81 -18.68
C THR A 366 -9.81 3.88 -17.66
N MET A 367 -9.90 3.56 -16.37
CA MET A 367 -9.58 4.54 -15.34
C MET A 367 -8.12 4.96 -15.42
N ILE A 368 -7.19 4.02 -15.52
CA ILE A 368 -5.80 4.43 -15.60
C ILE A 368 -5.52 5.16 -16.91
N LYS A 369 -6.29 4.90 -17.96
CA LYS A 369 -6.20 5.76 -19.14
C LYS A 369 -6.60 7.18 -18.82
N ALA A 370 -7.66 7.36 -18.02
CA ALA A 370 -8.11 8.71 -17.71
C ALA A 370 -7.32 9.33 -16.56
N THR A 371 -6.93 8.52 -15.57
CA THR A 371 -6.29 9.06 -14.37
C THR A 371 -4.79 9.23 -14.53
N ALA A 372 -4.20 8.77 -15.62
CA ALA A 372 -2.75 8.88 -15.80
C ALA A 372 -2.33 10.34 -15.95
N ARG A 373 -1.33 10.74 -15.17
CA ARG A 373 -0.72 12.05 -15.30
C ARG A 373 0.79 11.89 -15.20
N SER A 374 1.52 12.49 -16.13
CA SER A 374 2.97 12.55 -16.04
C SER A 374 3.35 13.50 -14.90
N ALA A 375 4.66 13.61 -14.64
CA ALA A 375 5.09 14.43 -13.51
C ALA A 375 4.75 15.90 -13.68
N PRO A 376 5.15 16.56 -14.78
CA PRO A 376 4.77 17.98 -14.92
C PRO A 376 3.27 18.22 -15.00
N ASP A 377 2.53 17.29 -15.61
CA ASP A 377 1.07 17.41 -15.61
C ASP A 377 0.54 17.38 -14.19
N ARG A 378 1.03 16.45 -13.37
CA ARG A 378 0.58 16.34 -11.99
C ARG A 378 0.92 17.59 -11.19
N GLN A 379 2.11 18.15 -11.41
CA GLN A 379 2.52 19.37 -10.70
C GLN A 379 1.63 20.55 -11.09
N GLU A 380 1.43 20.75 -12.40
CA GLU A 380 0.58 21.84 -12.86
C GLU A 380 -0.89 21.61 -12.54
N GLU A 381 -1.26 20.40 -12.14
CA GLU A 381 -2.60 20.18 -11.59
C GLU A 381 -2.67 20.58 -10.12
N ILE A 382 -1.70 20.11 -9.31
CA ILE A 382 -1.68 20.40 -7.88
C ILE A 382 -1.64 21.90 -7.63
N SER A 383 -0.82 22.61 -8.41
CA SER A 383 -0.67 24.05 -8.16
C SER A 383 -1.97 24.79 -8.42
N ARG A 384 -2.62 24.53 -9.57
CA ARG A 384 -3.90 25.18 -9.86
C ARG A 384 -4.95 24.78 -8.84
N LEU A 385 -4.88 23.54 -8.34
CA LEU A 385 -5.84 23.10 -7.34
C LEU A 385 -5.72 23.90 -6.06
N VAL A 386 -4.52 23.96 -5.50
CA VAL A 386 -4.33 24.71 -4.26
C VAL A 386 -4.58 26.20 -4.49
N ARG A 387 -4.37 26.67 -5.72
CA ARG A 387 -4.68 28.04 -6.04
C ARG A 387 -6.18 28.29 -6.05
N SER A 388 -6.97 27.27 -6.41
CA SER A 388 -8.42 27.39 -6.40
C SER A 388 -9.01 27.28 -5.00
N ALA A 389 -8.26 26.73 -4.03
CA ALA A 389 -8.84 26.42 -2.73
C ALA A 389 -9.27 27.66 -1.96
N ASN A 390 -8.69 28.83 -2.29
CA ASN A 390 -9.10 30.11 -1.72
C ASN A 390 -9.12 30.07 -0.19
N TYR A 391 -7.98 29.68 0.39
CA TYR A 391 -7.88 29.61 1.84
C TYR A 391 -8.05 30.98 2.48
N GLU A 392 -7.74 32.05 1.74
CA GLU A 392 -7.88 33.40 2.29
C GLU A 392 -9.33 33.71 2.65
N THR A 393 -10.29 33.05 2.00
CA THR A 393 -11.71 33.27 2.27
C THR A 393 -12.35 32.03 2.87
N ASP A 394 -11.61 31.32 3.72
CA ASP A 394 -12.17 30.22 4.47
C ASP A 394 -12.43 30.67 5.90
N PRO A 395 -13.68 30.69 6.35
CA PRO A 395 -13.96 31.17 7.72
C PRO A 395 -13.18 30.44 8.82
N PHE A 396 -13.01 29.13 8.69
CA PHE A 396 -12.30 28.37 9.72
C PHE A 396 -10.80 28.58 9.66
N VAL A 397 -10.27 29.01 8.52
CA VAL A 397 -8.88 29.45 8.46
C VAL A 397 -8.73 30.87 9.00
N GLN A 398 -9.74 31.71 8.79
CA GLN A 398 -9.67 33.09 9.26
C GLN A 398 -9.79 33.17 10.78
N GLU A 399 -10.66 32.35 11.38
CA GLU A 399 -10.85 32.45 12.83
C GLU A 399 -9.61 32.00 13.60
N PHE A 400 -8.70 31.24 12.98
CA PHE A 400 -7.48 30.81 13.64
C PHE A 400 -6.24 31.52 13.12
N GLN A 401 -6.42 32.61 12.37
CA GLN A 401 -5.32 33.46 11.93
C GLN A 401 -4.28 32.67 11.15
N PHE A 402 -4.76 31.74 10.31
CA PHE A 402 -3.89 30.93 9.48
C PHE A 402 -3.55 31.65 8.18
N LYS A 403 -2.38 31.34 7.63
CA LYS A 403 -1.94 31.84 6.34
C LYS A 403 -1.14 30.73 5.67
N VAL A 404 -1.72 30.11 4.64
CA VAL A 404 -1.05 29.03 3.93
C VAL A 404 -0.53 29.55 2.60
N ARG A 405 0.68 29.11 2.24
CA ARG A 405 1.33 29.63 1.04
C ARG A 405 0.66 29.08 -0.21
N ASP A 406 0.45 29.96 -1.19
CA ASP A 406 -0.23 29.60 -2.43
C ASP A 406 0.70 28.96 -3.46
N GLU A 407 2.00 29.24 -3.40
CA GLU A 407 2.97 28.69 -4.35
C GLU A 407 3.64 27.46 -3.78
N MET A 408 4.14 26.61 -4.68
CA MET A 408 4.83 25.40 -4.25
C MET A 408 6.13 25.74 -3.53
N ALA A 409 6.60 24.80 -2.73
CA ALA A 409 7.83 25.01 -1.97
C ALA A 409 9.04 24.89 -2.89
N HIS A 410 9.86 25.95 -2.94
CA HIS A 410 11.12 25.88 -3.66
C HIS A 410 12.16 25.19 -2.80
N VAL A 411 12.86 24.21 -3.36
CA VAL A 411 13.87 23.44 -2.65
C VAL A 411 15.10 23.32 -3.55
N THR A 412 16.23 23.00 -2.94
CA THR A 412 17.44 22.59 -3.67
C THR A 412 17.88 21.25 -3.11
N GLY A 413 18.09 20.28 -4.00
CA GLY A 413 18.53 18.97 -3.61
C GLY A 413 19.86 18.63 -4.27
N ARG A 414 20.36 17.44 -3.97
CA ARG A 414 21.63 16.99 -4.49
C ARG A 414 21.48 15.63 -5.17
N VAL A 415 21.98 15.53 -6.39
CA VAL A 415 22.03 14.27 -7.13
C VAL A 415 23.30 13.55 -6.71
N LEU A 416 23.14 12.42 -6.03
CA LEU A 416 24.26 11.62 -5.56
C LEU A 416 24.94 10.90 -6.72
N PRO A 417 26.20 10.51 -6.56
CA PRO A 417 26.87 9.72 -7.60
C PRO A 417 26.53 8.24 -7.46
N ALA A 418 26.09 7.64 -8.57
CA ALA A 418 25.78 6.22 -8.54
C ALA A 418 27.06 5.41 -8.38
N PRO A 419 27.01 4.28 -7.66
CA PRO A 419 28.22 3.46 -7.50
C PRO A 419 28.42 2.55 -8.70
N MET A 420 29.66 2.15 -8.90
CA MET A 420 30.02 1.21 -9.95
C MET A 420 29.84 -0.22 -9.44
N LEU A 421 29.67 -1.15 -10.38
CA LEU A 421 29.51 -2.55 -10.00
C LEU A 421 30.51 -3.42 -10.75
N GLN A 422 31.23 -4.27 -10.02
CA GLN A 422 32.17 -5.19 -10.65
C GLN A 422 31.49 -6.52 -10.91
N TYR A 423 31.39 -6.87 -12.20
CA TYR A 423 31.03 -8.19 -12.66
C TYR A 423 32.29 -9.01 -12.88
N GLY A 424 32.13 -10.32 -13.04
CA GLY A 424 33.23 -11.25 -13.09
C GLY A 424 33.66 -11.61 -14.50
N GLY A 425 34.37 -12.72 -14.60
CA GLY A 425 34.87 -13.23 -15.86
C GLY A 425 36.38 -13.08 -15.99
N ARG A 426 36.86 -13.40 -17.19
CA ARG A 426 38.30 -13.31 -17.47
C ARG A 426 38.80 -11.87 -17.33
N ASN A 427 38.01 -10.91 -17.82
CA ASN A 427 38.44 -9.51 -17.86
C ASN A 427 37.96 -8.69 -16.66
N ARG A 428 37.01 -9.21 -15.88
CA ARG A 428 36.43 -8.49 -14.75
C ARG A 428 35.85 -7.14 -15.18
N THR A 429 34.84 -7.21 -16.04
CA THR A 429 34.18 -5.99 -16.52
C THR A 429 33.53 -5.25 -15.36
N VAL A 430 33.54 -3.92 -15.46
CA VAL A 430 32.90 -3.06 -14.46
C VAL A 430 31.88 -2.17 -15.16
N ALA A 431 30.71 -2.04 -14.52
CA ALA A 431 29.58 -1.33 -15.09
C ALA A 431 29.39 0.00 -14.36
N THR A 432 29.18 1.05 -15.15
CA THR A 432 28.91 2.40 -14.67
C THR A 432 27.43 2.70 -14.88
N PRO A 433 26.61 2.65 -13.83
CA PRO A 433 25.16 2.81 -14.02
C PRO A 433 24.75 4.24 -14.37
N SER A 434 24.34 4.45 -15.62
CA SER A 434 23.92 5.76 -16.09
C SER A 434 22.41 5.89 -15.94
N HIS A 435 21.97 6.96 -15.26
CA HIS A 435 20.55 7.23 -15.07
C HIS A 435 19.86 6.10 -14.31
N GLY A 436 20.56 5.51 -13.36
CA GLY A 436 19.99 4.47 -12.52
C GLY A 436 19.60 3.20 -13.25
N VAL A 437 20.35 2.82 -14.27
CA VAL A 437 20.07 1.60 -15.04
C VAL A 437 21.33 1.19 -15.78
N TRP A 438 21.57 -0.12 -15.83
CA TRP A 438 22.59 -0.69 -16.69
C TRP A 438 22.10 -2.04 -17.19
N ASP A 439 22.89 -2.69 -18.03
CA ASP A 439 22.53 -3.99 -18.56
C ASP A 439 23.68 -4.96 -18.36
N MET A 440 23.34 -6.25 -18.29
CA MET A 440 24.34 -7.29 -18.15
C MET A 440 24.89 -7.75 -19.49
N ARG A 441 24.47 -7.10 -20.58
CA ARG A 441 24.95 -7.45 -21.91
C ARG A 441 26.45 -7.15 -22.01
N GLY A 442 27.25 -8.18 -22.25
CA GLY A 442 28.69 -8.05 -22.29
C GLY A 442 29.39 -8.35 -20.99
N LYS A 443 28.64 -8.65 -19.94
CA LYS A 443 29.21 -8.90 -18.63
C LYS A 443 28.95 -10.35 -18.22
N GLN A 444 29.70 -10.79 -17.21
CA GLN A 444 29.54 -12.11 -16.62
C GLN A 444 29.39 -11.97 -15.11
N PHE A 445 28.81 -12.99 -14.49
CA PHE A 445 28.64 -12.97 -13.04
C PHE A 445 30.00 -12.98 -12.35
N HIS A 446 30.04 -12.36 -11.16
CA HIS A 446 31.27 -12.37 -10.37
C HIS A 446 31.71 -13.79 -10.05
N THR A 447 30.77 -14.64 -9.64
CA THR A 447 31.03 -16.06 -9.40
C THR A 447 29.89 -16.84 -10.07
N GLY A 448 30.12 -17.27 -11.32
CA GLY A 448 29.14 -18.09 -12.00
C GLY A 448 29.15 -19.52 -11.51
N VAL A 449 28.08 -20.24 -11.82
CA VAL A 449 27.91 -21.63 -11.40
C VAL A 449 27.64 -22.48 -12.63
N GLU A 450 28.16 -23.71 -12.63
CA GLU A 450 27.83 -24.67 -13.66
C GLU A 450 26.58 -25.45 -13.24
N ILE A 451 25.63 -25.58 -14.15
CA ILE A 451 24.40 -26.28 -13.85
C ILE A 451 24.41 -27.61 -14.59
N LYS A 452 24.87 -28.67 -13.92
CA LYS A 452 25.07 -29.94 -14.59
C LYS A 452 23.79 -30.75 -14.64
N MET A 453 23.18 -31.00 -13.49
CA MET A 453 21.94 -31.78 -13.39
C MET A 453 20.77 -30.82 -13.22
N TRP A 454 19.84 -30.85 -14.17
CA TRP A 454 18.68 -29.97 -14.12
C TRP A 454 17.50 -30.64 -14.80
N ALA A 455 16.30 -30.29 -14.36
CA ALA A 455 15.07 -30.87 -14.88
C ALA A 455 14.13 -29.76 -15.33
N ILE A 456 13.06 -30.16 -15.99
CA ILE A 456 12.03 -29.23 -16.46
C ILE A 456 10.70 -29.95 -16.48
N ALA A 457 9.65 -29.26 -16.01
CA ALA A 457 8.31 -29.84 -15.93
C ALA A 457 7.32 -28.85 -16.53
N CYS A 458 6.80 -29.17 -17.71
CA CYS A 458 5.81 -28.33 -18.37
C CYS A 458 4.43 -28.67 -17.81
N PHE A 459 3.83 -27.75 -17.07
CA PHE A 459 2.42 -27.87 -16.72
C PHE A 459 1.53 -27.26 -17.79
N ALA A 460 2.09 -26.96 -18.95
CA ALA A 460 1.34 -26.68 -20.16
C ALA A 460 1.00 -27.97 -20.88
N THR A 461 0.03 -27.89 -21.78
CA THR A 461 -0.36 -29.05 -22.57
C THR A 461 0.59 -29.24 -23.76
N GLN A 462 0.44 -30.37 -24.44
CA GLN A 462 1.19 -30.61 -25.67
C GLN A 462 0.82 -29.58 -26.74
N ARG A 463 -0.46 -29.20 -26.80
CA ARG A 463 -0.93 -28.24 -27.78
C ARG A 463 -0.55 -26.80 -27.44
N GLN A 464 -0.23 -26.50 -26.18
CA GLN A 464 0.15 -25.15 -25.82
C GLN A 464 1.61 -24.86 -26.19
N CYS A 465 2.49 -25.83 -25.99
CA CYS A 465 3.88 -25.73 -26.45
C CYS A 465 4.31 -27.08 -26.99
N ARG A 466 4.63 -27.13 -28.28
CA ARG A 466 5.15 -28.34 -28.89
C ARG A 466 6.50 -28.68 -28.26
N GLU A 467 6.92 -29.95 -28.42
CA GLU A 467 8.24 -30.35 -27.97
C GLU A 467 9.32 -29.44 -28.56
N GLU A 468 9.16 -29.07 -29.83
CA GLU A 468 10.14 -28.21 -30.48
C GLU A 468 10.19 -26.82 -29.84
N ILE A 469 9.03 -26.31 -29.44
CA ILE A 469 8.98 -24.97 -28.82
C ILE A 469 9.84 -24.94 -27.55
N LEU A 470 9.60 -25.89 -26.64
CA LEU A 470 10.36 -25.91 -25.40
C LEU A 470 11.82 -26.27 -25.65
N LYS A 471 12.10 -27.09 -26.66
CA LYS A 471 13.48 -27.41 -26.99
C LYS A 471 14.26 -26.17 -27.40
N GLY A 472 13.69 -25.36 -28.29
CA GLY A 472 14.35 -24.11 -28.67
C GLY A 472 14.46 -23.13 -27.52
N PHE A 473 13.40 -23.05 -26.70
CA PHE A 473 13.44 -22.23 -25.49
C PHE A 473 14.66 -22.58 -24.63
N THR A 474 14.84 -23.88 -24.35
CA THR A 474 15.96 -24.30 -23.53
C THR A 474 17.29 -24.08 -24.23
N ASP A 475 17.34 -24.28 -25.56
CA ASP A 475 18.58 -24.01 -26.31
C ASP A 475 19.05 -22.58 -26.11
N GLN A 476 18.16 -21.61 -26.34
CA GLN A 476 18.56 -20.22 -26.22
C GLN A 476 18.81 -19.82 -24.78
N LEU A 477 18.08 -20.41 -23.83
CA LEU A 477 18.38 -20.19 -22.42
C LEU A 477 19.80 -20.63 -22.08
N ARG A 478 20.19 -21.81 -22.57
CA ARG A 478 21.54 -22.31 -22.32
C ARG A 478 22.60 -21.38 -22.93
N LYS A 479 22.36 -20.93 -24.16
CA LYS A 479 23.31 -20.02 -24.80
C LYS A 479 23.45 -18.73 -24.00
N ILE A 480 22.33 -18.13 -23.61
CA ILE A 480 22.39 -16.86 -22.90
C ILE A 480 23.01 -17.06 -21.51
N SER A 481 22.80 -18.23 -20.89
CA SER A 481 23.41 -18.51 -19.61
C SER A 481 24.93 -18.62 -19.73
N LYS A 482 25.40 -19.30 -20.78
CA LYS A 482 26.84 -19.36 -21.00
C LYS A 482 27.42 -17.98 -21.26
N ASP A 483 26.69 -17.15 -22.01
CA ASP A 483 27.16 -15.79 -22.25
C ASP A 483 27.06 -14.91 -21.01
N ALA A 484 26.31 -15.33 -19.99
CA ALA A 484 26.28 -14.63 -18.72
C ALA A 484 27.36 -15.11 -17.76
N GLY A 485 28.24 -16.00 -18.20
CA GLY A 485 29.24 -16.57 -17.33
C GLY A 485 28.75 -17.72 -16.47
N MET A 486 27.49 -18.11 -16.61
CA MET A 486 26.89 -19.20 -15.84
C MET A 486 26.40 -20.25 -16.82
N PRO A 487 27.31 -21.03 -17.41
CA PRO A 487 26.90 -21.99 -18.44
C PRO A 487 26.12 -23.16 -17.88
N ILE A 488 24.81 -23.20 -18.14
CA ILE A 488 24.04 -24.38 -17.76
C ILE A 488 24.39 -25.48 -18.75
N GLN A 489 25.00 -26.55 -18.23
CA GLN A 489 25.66 -27.52 -19.08
C GLN A 489 24.81 -28.77 -19.23
N GLY A 490 24.99 -29.44 -20.37
CA GLY A 490 24.37 -30.73 -20.60
C GLY A 490 22.90 -30.63 -20.97
N GLN A 491 22.33 -31.82 -21.13
CA GLN A 491 20.94 -32.01 -21.52
C GLN A 491 20.03 -32.05 -20.32
N PRO A 492 18.74 -31.78 -20.49
CA PRO A 492 17.80 -31.86 -19.35
C PRO A 492 17.74 -33.28 -18.80
N CYS A 493 18.03 -33.41 -17.51
CA CYS A 493 17.95 -34.71 -16.85
C CYS A 493 16.53 -35.27 -16.84
N PHE A 494 15.53 -34.41 -16.99
CA PHE A 494 14.14 -34.83 -16.92
C PHE A 494 13.29 -33.84 -17.70
N CYS A 495 12.30 -34.36 -18.42
CA CYS A 495 11.41 -33.52 -19.21
C CYS A 495 10.08 -34.26 -19.36
N LYS A 496 9.02 -33.71 -18.78
CA LYS A 496 7.72 -34.37 -18.82
C LYS A 496 6.63 -33.33 -18.61
N TYR A 497 5.46 -33.57 -19.21
CA TYR A 497 4.30 -32.72 -19.01
C TYR A 497 3.53 -33.13 -17.76
N ALA A 498 2.61 -32.26 -17.33
CA ALA A 498 1.74 -32.55 -16.19
C ALA A 498 0.52 -31.64 -16.17
N GLN A 499 -0.68 -32.22 -16.10
CA GLN A 499 -1.91 -31.45 -15.99
C GLN A 499 -2.51 -31.50 -14.58
N GLY A 500 -1.77 -32.02 -13.60
CA GLY A 500 -2.29 -32.17 -12.25
C GLY A 500 -1.64 -31.26 -11.23
N ALA A 501 -2.46 -30.42 -10.58
CA ALA A 501 -1.94 -29.55 -9.54
C ALA A 501 -1.48 -30.34 -8.32
N ASP A 502 -2.26 -31.36 -7.93
CA ASP A 502 -1.94 -32.25 -6.82
C ASP A 502 -0.94 -33.32 -7.21
N SER A 503 -0.38 -33.26 -8.42
CA SER A 503 0.62 -34.21 -8.88
C SER A 503 2.04 -33.67 -8.74
N VAL A 504 2.22 -32.54 -8.07
CA VAL A 504 3.55 -31.97 -7.89
C VAL A 504 4.26 -32.57 -6.67
N GLU A 505 3.52 -32.93 -5.62
CA GLU A 505 4.14 -33.61 -4.49
C GLU A 505 4.74 -34.95 -4.90
N PRO A 506 4.04 -35.85 -5.63
CA PRO A 506 4.69 -37.08 -6.08
C PRO A 506 5.90 -36.83 -6.97
N MET A 507 5.71 -36.08 -8.07
CA MET A 507 6.78 -35.76 -9.01
C MET A 507 8.05 -35.34 -8.29
N PHE A 508 7.97 -34.27 -7.49
CA PHE A 508 9.14 -33.77 -6.78
C PHE A 508 9.77 -34.87 -5.95
N ARG A 509 8.94 -35.62 -5.20
CA ARG A 509 9.47 -36.75 -4.43
C ARG A 509 10.31 -37.66 -5.31
N HIS A 510 9.72 -38.08 -6.44
CA HIS A 510 10.46 -38.90 -7.40
C HIS A 510 11.78 -38.23 -7.76
N LEU A 511 11.71 -36.96 -8.17
CA LEU A 511 12.90 -36.25 -8.62
C LEU A 511 13.94 -36.09 -7.51
N LYS A 512 13.53 -36.18 -6.23
CA LYS A 512 14.51 -36.07 -5.17
C LYS A 512 15.30 -37.36 -4.99
N ASN A 513 14.67 -38.52 -5.24
CA ASN A 513 15.31 -39.79 -4.90
C ASN A 513 16.00 -40.45 -6.09
N THR A 514 15.39 -40.38 -7.28
CA THR A 514 16.04 -40.93 -8.46
C THR A 514 17.32 -40.18 -8.80
N TYR A 515 17.35 -38.87 -8.55
CA TYR A 515 18.49 -38.03 -8.89
C TYR A 515 19.09 -37.46 -7.61
N SER A 516 20.39 -37.69 -7.41
CA SER A 516 21.12 -37.23 -6.23
C SER A 516 22.03 -36.08 -6.65
N GLY A 517 21.75 -34.88 -6.14
CA GLY A 517 22.53 -33.71 -6.50
C GLY A 517 21.93 -32.94 -7.66
N LEU A 518 20.62 -32.70 -7.62
CA LEU A 518 19.92 -31.97 -8.67
C LEU A 518 19.95 -30.47 -8.36
N GLN A 519 20.48 -29.68 -9.31
CA GLN A 519 20.65 -28.25 -9.06
C GLN A 519 19.31 -27.53 -8.95
N LEU A 520 18.43 -27.74 -9.93
CA LEU A 520 17.14 -27.05 -9.96
C LEU A 520 16.24 -27.71 -10.97
N ILE A 521 14.97 -27.32 -10.94
CA ILE A 521 13.98 -27.69 -11.95
C ILE A 521 13.27 -26.44 -12.40
N ILE A 522 12.61 -26.54 -13.55
CA ILE A 522 11.81 -25.46 -14.11
C ILE A 522 10.39 -25.97 -14.32
N VAL A 523 9.42 -25.23 -13.78
CA VAL A 523 8.01 -25.53 -13.98
C VAL A 523 7.44 -24.45 -14.89
N ILE A 524 7.07 -24.82 -16.11
CA ILE A 524 6.41 -23.90 -17.01
C ILE A 524 4.91 -23.93 -16.74
N LEU A 525 4.29 -22.75 -16.62
CA LEU A 525 2.91 -22.68 -16.18
C LEU A 525 2.04 -22.00 -17.22
N PRO A 526 0.74 -22.31 -17.26
CA PRO A 526 -0.16 -21.65 -18.21
C PRO A 526 -0.62 -20.27 -17.77
N GLY A 527 -0.25 -19.83 -16.57
CA GLY A 527 -0.71 -18.58 -16.03
C GLY A 527 -1.01 -18.71 -14.55
N LYS A 528 -2.05 -18.04 -14.07
CA LYS A 528 -2.44 -18.19 -12.68
C LYS A 528 -2.96 -19.61 -12.42
N THR A 529 -2.46 -20.23 -11.34
CA THR A 529 -2.80 -21.61 -11.04
C THR A 529 -2.37 -22.00 -9.63
N PRO A 530 -3.12 -22.87 -8.94
CA PRO A 530 -2.63 -23.40 -7.65
C PRO A 530 -1.37 -24.23 -7.79
N VAL A 531 -1.04 -24.64 -9.02
CA VAL A 531 0.19 -25.39 -9.28
C VAL A 531 1.39 -24.63 -8.74
N TYR A 532 1.45 -23.32 -8.99
CA TYR A 532 2.57 -22.52 -8.51
C TYR A 532 2.67 -22.57 -6.99
N ALA A 533 1.52 -22.40 -6.31
CA ALA A 533 1.51 -22.40 -4.86
C ALA A 533 2.03 -23.71 -4.29
N GLU A 534 1.50 -24.84 -4.79
CA GLU A 534 1.95 -26.13 -4.25
C GLU A 534 3.37 -26.46 -4.67
N VAL A 535 3.80 -26.01 -5.84
CA VAL A 535 5.18 -26.24 -6.28
C VAL A 535 6.15 -25.54 -5.34
N LYS A 536 5.87 -24.27 -5.02
CA LYS A 536 6.70 -23.55 -4.07
C LYS A 536 6.65 -24.19 -2.69
N ARG A 537 5.45 -24.61 -2.26
CA ARG A 537 5.32 -25.22 -0.94
C ARG A 537 6.15 -26.49 -0.83
N VAL A 538 6.16 -27.33 -1.87
CA VAL A 538 6.92 -28.57 -1.82
C VAL A 538 8.41 -28.28 -1.95
N GLY A 539 8.80 -27.55 -3.00
CA GLY A 539 10.21 -27.28 -3.25
C GLY A 539 10.89 -26.46 -2.19
N ASP A 540 10.13 -25.79 -1.32
CA ASP A 540 10.73 -25.03 -0.24
C ASP A 540 10.52 -25.63 1.15
N THR A 541 9.52 -26.49 1.33
CA THR A 541 9.28 -27.15 2.61
C THR A 541 9.48 -28.66 2.54
N LEU A 542 8.81 -29.33 1.60
CA LEU A 542 8.96 -30.78 1.49
C LEU A 542 10.23 -31.15 0.73
N LEU A 543 10.32 -30.73 -0.54
CA LEU A 543 11.46 -31.10 -1.37
C LEU A 543 12.73 -30.43 -0.89
N GLY A 544 12.68 -29.12 -0.67
CA GLY A 544 13.89 -28.37 -0.33
C GLY A 544 14.89 -28.31 -1.46
N MET A 545 14.44 -27.98 -2.67
CA MET A 545 15.32 -27.84 -3.82
C MET A 545 14.94 -26.57 -4.58
N ALA A 546 15.78 -26.21 -5.55
CA ALA A 546 15.63 -24.96 -6.28
C ALA A 546 14.63 -25.12 -7.42
N THR A 547 13.73 -24.13 -7.57
CA THR A 547 12.70 -24.12 -8.60
C THR A 547 12.64 -22.76 -9.26
N GLN A 548 12.54 -22.74 -10.59
CA GLN A 548 12.30 -21.52 -11.34
C GLN A 548 11.06 -21.71 -12.21
N CYS A 549 10.08 -20.84 -12.04
CA CYS A 549 8.80 -20.96 -12.74
C CYS A 549 8.76 -19.94 -13.88
N VAL A 550 8.20 -20.36 -15.01
CA VAL A 550 8.15 -19.52 -16.21
C VAL A 550 6.75 -19.59 -16.80
N GLN A 551 6.25 -18.45 -17.26
CA GLN A 551 4.98 -18.39 -17.97
C GLN A 551 5.15 -18.90 -19.39
N VAL A 552 4.08 -19.50 -19.92
CA VAL A 552 4.16 -20.15 -21.24
C VAL A 552 4.48 -19.14 -22.33
N LYS A 553 3.87 -17.95 -22.27
CA LYS A 553 4.11 -16.96 -23.31
C LYS A 553 5.61 -16.63 -23.41
N ASN A 554 6.25 -16.38 -22.26
CA ASN A 554 7.69 -16.09 -22.27
C ASN A 554 8.48 -17.28 -22.76
N VAL A 555 7.96 -18.49 -22.57
CA VAL A 555 8.59 -19.67 -23.13
C VAL A 555 8.44 -19.69 -24.64
N ILE A 556 7.28 -19.31 -25.15
CA ILE A 556 7.00 -19.46 -26.58
C ILE A 556 7.22 -18.17 -27.38
N LYS A 557 7.28 -17.02 -26.72
CA LYS A 557 7.66 -15.76 -27.34
C LYS A 557 8.93 -15.31 -26.62
N THR A 558 10.08 -15.55 -27.22
CA THR A 558 11.34 -15.48 -26.49
C THR A 558 11.98 -14.11 -26.67
N SER A 559 12.35 -13.49 -25.55
CA SER A 559 13.03 -12.22 -25.52
C SER A 559 14.29 -12.34 -24.67
N PRO A 560 15.44 -11.93 -25.18
CA PRO A 560 16.69 -12.15 -24.43
C PRO A 560 16.74 -11.45 -23.09
N GLN A 561 16.11 -10.28 -22.95
CA GLN A 561 16.13 -9.58 -21.66
C GLN A 561 15.45 -10.41 -20.57
N THR A 562 14.29 -11.00 -20.91
CA THR A 562 13.59 -11.89 -19.99
C THR A 562 14.49 -13.05 -19.57
N LEU A 563 15.17 -13.66 -20.53
CA LEU A 563 16.05 -14.78 -20.23
C LEU A 563 17.20 -14.35 -19.33
N SER A 564 17.75 -13.15 -19.57
CA SER A 564 18.86 -12.67 -18.75
C SER A 564 18.42 -12.46 -17.29
N ASN A 565 17.24 -11.86 -17.09
CA ASN A 565 16.74 -11.71 -15.72
C ASN A 565 16.48 -13.06 -15.07
N LEU A 566 15.94 -14.01 -15.84
CA LEU A 566 15.76 -15.37 -15.34
C LEU A 566 17.07 -15.98 -14.89
N CYS A 567 18.13 -15.79 -15.69
CA CYS A 567 19.45 -16.32 -15.35
C CYS A 567 19.99 -15.66 -14.09
N LEU A 568 19.77 -14.36 -13.94
CA LEU A 568 20.13 -13.67 -12.70
C LEU A 568 19.49 -14.36 -11.50
N LYS A 569 18.17 -14.55 -11.55
CA LYS A 569 17.46 -15.16 -10.43
C LYS A 569 17.96 -16.58 -10.16
N ILE A 570 18.21 -17.35 -11.22
CA ILE A 570 18.70 -18.72 -11.07
C ILE A 570 20.07 -18.73 -10.41
N ASN A 571 21.01 -17.92 -10.93
CA ASN A 571 22.36 -17.89 -10.40
C ASN A 571 22.36 -17.50 -8.93
N VAL A 572 21.51 -16.55 -8.55
CA VAL A 572 21.39 -16.21 -7.14
C VAL A 572 20.80 -17.38 -6.35
N LYS A 573 19.83 -18.08 -6.94
CA LYS A 573 19.22 -19.23 -6.27
C LYS A 573 20.20 -20.36 -6.03
N LEU A 574 21.30 -20.41 -6.78
CA LEU A 574 22.35 -21.38 -6.54
C LEU A 574 23.58 -20.76 -5.87
N GLY A 575 23.38 -19.67 -5.13
CA GLY A 575 24.45 -19.04 -4.38
C GLY A 575 25.46 -18.29 -5.21
N GLY A 576 25.29 -18.21 -6.52
CA GLY A 576 26.23 -17.50 -7.37
C GLY A 576 26.06 -16.00 -7.24
N ILE A 577 27.15 -15.29 -6.92
CA ILE A 577 27.09 -13.85 -6.76
C ILE A 577 27.08 -13.19 -8.14
N ASN A 578 26.03 -12.42 -8.43
CA ASN A 578 25.94 -11.73 -9.71
C ASN A 578 27.06 -10.70 -9.87
N ASN A 579 27.06 -9.68 -9.01
CA ASN A 579 28.08 -8.64 -9.05
C ASN A 579 28.38 -8.20 -7.63
N ILE A 580 29.53 -7.58 -7.44
CA ILE A 580 29.85 -6.99 -6.15
C ILE A 580 29.97 -5.48 -6.32
N LEU A 581 29.73 -4.78 -5.22
CA LEU A 581 29.95 -3.34 -5.19
C LEU A 581 31.45 -3.11 -5.17
N VAL A 582 31.92 -2.21 -6.04
CA VAL A 582 33.35 -1.93 -6.20
C VAL A 582 34.01 -1.68 -4.85
N PRO A 583 35.00 -2.46 -4.47
CA PRO A 583 35.59 -2.30 -3.13
C PRO A 583 36.14 -0.91 -2.88
N HIS A 584 36.60 -0.22 -3.92
CA HIS A 584 37.18 1.11 -3.75
C HIS A 584 36.12 2.13 -3.36
N GLN A 585 35.11 2.31 -4.22
CA GLN A 585 34.14 3.39 -4.05
C GLN A 585 33.06 2.98 -3.05
N ARG A 586 33.43 3.04 -1.78
CA ARG A 586 32.56 2.64 -0.68
C ARG A 586 32.81 3.57 0.50
N PRO A 587 31.84 3.68 1.41
CA PRO A 587 32.04 4.46 2.63
C PRO A 587 32.89 3.70 3.64
N SER A 588 33.35 4.42 4.66
CA SER A 588 34.25 3.87 5.65
C SER A 588 33.59 2.85 6.58
N VAL A 589 32.25 2.74 6.54
CA VAL A 589 31.56 1.78 7.41
C VAL A 589 32.01 0.36 7.13
N PHE A 590 32.42 0.08 5.90
CA PHE A 590 32.89 -1.25 5.52
C PHE A 590 34.28 -1.56 6.04
N GLN A 591 34.93 -0.63 6.75
CA GLN A 591 36.22 -0.91 7.35
C GLN A 591 36.13 -1.84 8.57
N GLN A 592 34.94 -2.38 8.83
CA GLN A 592 34.71 -3.30 9.94
C GLN A 592 33.61 -4.26 9.55
N PRO A 593 33.58 -5.45 10.14
CA PRO A 593 32.49 -6.41 9.85
C PRO A 593 31.13 -5.81 10.17
N VAL A 594 30.31 -5.64 9.14
CA VAL A 594 28.98 -5.10 9.26
C VAL A 594 27.98 -6.08 8.67
N ILE A 595 26.80 -6.12 9.26
CA ILE A 595 25.68 -6.88 8.73
C ILE A 595 24.56 -5.91 8.39
N PHE A 596 23.74 -6.29 7.43
CA PHE A 596 22.64 -5.45 6.96
C PHE A 596 21.34 -6.23 7.07
N LEU A 597 20.34 -5.64 7.72
CA LEU A 597 19.08 -6.29 7.97
C LEU A 597 17.93 -5.44 7.43
N GLY A 598 16.97 -6.11 6.80
CA GLY A 598 15.70 -5.48 6.44
C GLY A 598 14.56 -6.31 7.00
N ALA A 599 13.56 -5.63 7.55
CA ALA A 599 12.43 -6.30 8.18
C ALA A 599 11.13 -5.71 7.67
N ASP A 600 10.12 -6.57 7.56
CA ASP A 600 8.83 -6.12 7.08
C ASP A 600 7.72 -6.97 7.68
N VAL A 601 6.54 -6.37 7.84
CA VAL A 601 5.37 -7.07 8.35
C VAL A 601 4.22 -6.87 7.36
N THR A 602 3.59 -7.95 6.95
CA THR A 602 2.42 -7.91 6.09
C THR A 602 1.20 -8.42 6.86
N HIS A 603 0.05 -7.70 6.65
CA HIS A 603 -1.22 -7.79 7.34
C HIS A 603 -2.22 -8.63 6.55
N PRO A 604 -3.08 -9.36 7.27
CA PRO A 604 -4.04 -10.26 6.63
C PRO A 604 -4.97 -9.56 5.65
N PRO A 605 -5.71 -8.50 6.06
CA PRO A 605 -6.84 -8.10 5.21
C PRO A 605 -6.47 -7.67 3.80
N LYS A 610 -9.81 -12.64 9.95
CA LYS A 610 -9.11 -13.35 11.02
C LYS A 610 -8.01 -14.27 10.51
N LYS A 611 -7.14 -13.74 9.68
CA LYS A 611 -6.03 -14.39 9.03
C LYS A 611 -4.70 -14.02 9.70
N PRO A 612 -3.70 -14.89 9.67
CA PRO A 612 -2.45 -14.60 10.39
C PRO A 612 -1.60 -13.54 9.69
N SER A 613 -0.78 -12.85 10.49
CA SER A 613 0.14 -11.84 9.98
C SER A 613 1.52 -12.46 9.81
N ILE A 614 2.31 -11.89 8.89
CA ILE A 614 3.60 -12.49 8.53
C ILE A 614 4.69 -11.44 8.69
N ALA A 615 5.73 -11.76 9.49
CA ALA A 615 6.84 -10.85 9.71
C ALA A 615 8.14 -11.52 9.30
N ALA A 616 8.94 -10.83 8.49
CA ALA A 616 10.18 -11.38 7.95
C ALA A 616 11.34 -10.44 8.20
N VAL A 617 12.52 -11.02 8.44
CA VAL A 617 13.75 -10.26 8.59
C VAL A 617 14.89 -10.96 7.87
N VAL A 618 15.70 -10.19 7.15
CA VAL A 618 16.80 -10.72 6.36
C VAL A 618 18.13 -10.24 6.96
N GLY A 619 19.23 -10.74 6.41
CA GLY A 619 20.55 -10.41 6.87
C GLY A 619 21.64 -10.75 5.87
N SER A 620 22.54 -9.81 5.64
CA SER A 620 23.64 -10.02 4.71
C SER A 620 24.59 -11.09 5.23
N MET A 621 25.03 -11.98 4.35
CA MET A 621 25.89 -13.09 4.71
C MET A 621 27.35 -12.88 4.33
N ASP A 622 27.62 -12.09 3.30
CA ASP A 622 28.98 -11.84 2.82
C ASP A 622 29.45 -10.47 3.30
N ALA A 623 30.72 -10.16 3.00
CA ALA A 623 31.27 -8.86 3.39
C ALA A 623 30.66 -7.75 2.56
N HIS A 624 30.86 -7.78 1.25
CA HIS A 624 30.15 -6.86 0.38
C HIS A 624 28.67 -7.19 0.38
N PRO A 625 27.79 -6.19 0.33
CA PRO A 625 26.35 -6.45 0.53
C PRO A 625 25.65 -7.03 -0.70
N SER A 626 25.85 -8.34 -0.93
CA SER A 626 25.17 -9.00 -2.04
C SER A 626 24.37 -10.23 -1.62
N ARG A 627 24.90 -11.05 -0.72
CA ARG A 627 24.25 -12.30 -0.33
C ARG A 627 23.50 -12.12 0.98
N TYR A 628 22.24 -12.54 0.99
CA TYR A 628 21.38 -12.40 2.16
C TYR A 628 20.68 -13.72 2.46
N CYS A 629 20.68 -14.10 3.73
CA CYS A 629 19.80 -15.13 4.25
C CYS A 629 18.63 -14.45 4.96
N ALA A 630 17.61 -15.24 5.33
CA ALA A 630 16.42 -14.65 5.92
C ALA A 630 15.71 -15.64 6.82
N THR A 631 14.91 -15.11 7.74
CA THR A 631 13.98 -15.90 8.52
C THR A 631 12.63 -15.19 8.60
N VAL A 632 11.59 -15.96 8.85
CA VAL A 632 10.21 -15.48 8.77
C VAL A 632 9.39 -16.18 9.85
N ARG A 633 8.47 -15.44 10.44
CA ARG A 633 7.62 -15.94 11.52
C ARG A 633 6.20 -15.45 11.31
N VAL A 634 5.28 -16.10 12.01
CA VAL A 634 3.86 -15.78 11.95
C VAL A 634 3.47 -15.08 13.25
N GLN A 635 2.46 -14.21 13.16
CA GLN A 635 2.12 -13.31 14.25
C GLN A 635 0.62 -13.06 14.29
N ARG A 636 0.20 -12.42 15.39
CA ARG A 636 -1.20 -12.09 15.59
C ARG A 636 -1.68 -11.16 14.47
N PRO A 637 -2.94 -11.28 14.05
CA PRO A 637 -3.44 -10.42 12.97
C PRO A 637 -3.39 -8.95 13.37
N ARG A 638 -3.09 -8.10 12.37
CA ARG A 638 -3.10 -6.65 12.52
C ARG A 638 -2.15 -6.19 13.63
N GLN A 639 -0.94 -6.72 13.61
CA GLN A 639 0.10 -6.34 14.56
C GLN A 639 1.25 -5.68 13.80
N GLU A 640 1.52 -4.41 14.13
CA GLU A 640 2.60 -3.67 13.47
C GLU A 640 3.97 -4.07 14.01
N ILE A 641 4.09 -4.11 15.35
CA ILE A 641 5.34 -4.53 15.96
C ILE A 641 5.64 -5.99 15.61
N ILE A 642 6.91 -6.34 15.63
CA ILE A 642 7.34 -7.71 15.37
C ILE A 642 7.39 -8.43 16.72
N GLN A 643 6.46 -9.37 16.91
CA GLN A 643 6.23 -10.00 18.21
C GLN A 643 7.50 -10.69 18.72
N ASP A 644 8.09 -11.55 17.90
CA ASP A 644 9.36 -12.20 18.20
C ASP A 644 10.43 -11.63 17.29
N LEU A 645 11.47 -11.04 17.88
CA LEU A 645 12.54 -10.49 17.06
C LEU A 645 13.90 -11.11 17.39
N ALA A 646 14.25 -11.14 18.67
CA ALA A 646 15.60 -11.51 19.07
C ALA A 646 16.03 -12.84 18.46
N SER A 647 15.20 -13.87 18.65
CA SER A 647 15.51 -15.19 18.11
C SER A 647 15.83 -15.08 16.62
N MET A 648 14.96 -14.41 15.85
CA MET A 648 15.21 -14.27 14.43
C MET A 648 16.59 -13.66 14.21
N VAL A 649 16.86 -12.51 14.84
CA VAL A 649 18.17 -11.88 14.70
C VAL A 649 19.25 -12.86 15.11
N ARG A 650 19.04 -13.54 16.24
CA ARG A 650 19.92 -14.61 16.69
C ARG A 650 20.33 -15.50 15.53
N GLU A 651 19.35 -16.15 14.90
CA GLU A 651 19.65 -17.08 13.82
C GLU A 651 20.51 -16.40 12.76
N LEU A 652 20.09 -15.22 12.32
CA LEU A 652 20.82 -14.51 11.29
C LEU A 652 22.28 -14.33 11.70
N LEU A 653 22.51 -13.79 12.91
CA LEU A 653 23.87 -13.56 13.35
C LEU A 653 24.68 -14.85 13.30
N ILE A 654 24.08 -15.96 13.75
CA ILE A 654 24.76 -17.24 13.72
C ILE A 654 25.28 -17.52 12.32
N GLN A 655 24.37 -17.47 11.33
CA GLN A 655 24.76 -17.79 9.96
C GLN A 655 25.86 -16.88 9.47
N PHE A 656 25.83 -15.60 9.88
CA PHE A 656 26.89 -14.68 9.50
C PHE A 656 28.25 -15.23 9.93
N TYR A 657 28.38 -15.59 11.21
CA TYR A 657 29.62 -16.18 11.67
C TYR A 657 29.96 -17.42 10.85
N LYS A 658 28.96 -18.26 10.57
CA LYS A 658 29.18 -19.49 9.83
C LYS A 658 29.84 -19.23 8.48
N SER A 659 29.53 -18.10 7.86
CA SER A 659 30.14 -17.76 6.58
C SER A 659 31.20 -16.68 6.69
N THR A 660 31.39 -16.08 7.87
CA THR A 660 32.37 -15.02 8.05
C THR A 660 33.44 -15.33 9.09
N ARG A 661 33.14 -16.17 10.08
CA ARG A 661 34.01 -16.43 11.22
C ARG A 661 34.38 -15.14 11.97
N PHE A 662 33.60 -14.09 11.74
CA PHE A 662 33.82 -12.79 12.35
C PHE A 662 32.55 -12.35 13.08
N LYS A 663 32.72 -11.48 14.06
CA LYS A 663 31.61 -10.91 14.81
C LYS A 663 31.23 -9.57 14.20
N PRO A 664 29.99 -9.37 13.77
CA PRO A 664 29.60 -8.08 13.16
C PRO A 664 29.64 -6.96 14.18
N THR A 665 30.42 -5.92 13.90
CA THR A 665 30.59 -4.82 14.83
C THR A 665 29.50 -3.76 14.70
N ARG A 666 28.91 -3.63 13.52
CA ARG A 666 27.84 -2.65 13.31
C ARG A 666 26.66 -3.35 12.66
N ILE A 667 25.48 -3.18 13.25
CA ILE A 667 24.23 -3.72 12.70
C ILE A 667 23.43 -2.56 12.14
N ILE A 668 23.11 -2.64 10.85
CA ILE A 668 22.36 -1.61 10.15
C ILE A 668 20.97 -2.18 9.89
N PHE A 669 19.99 -1.70 10.64
CA PHE A 669 18.63 -2.23 10.57
C PHE A 669 17.77 -1.31 9.72
N TYR A 670 17.17 -1.87 8.67
CA TYR A 670 16.20 -1.18 7.84
C TYR A 670 14.81 -1.75 8.13
N ARG A 671 13.83 -0.86 8.32
CA ARG A 671 12.51 -1.26 8.75
C ARG A 671 11.46 -0.62 7.84
N ASP A 672 10.41 -1.38 7.53
CA ASP A 672 9.30 -0.88 6.73
C ASP A 672 7.99 -1.43 7.30
N GLY A 673 6.96 -0.60 7.31
CA GLY A 673 5.64 -1.03 7.70
C GLY A 673 5.01 -0.26 8.83
N VAL A 674 5.82 0.27 9.74
CA VAL A 674 5.29 0.94 10.92
C VAL A 674 4.66 2.26 10.52
N SER A 675 3.40 2.45 10.92
CA SER A 675 2.72 3.71 10.68
C SER A 675 3.34 4.82 11.52
N GLU A 676 3.24 6.06 11.02
CA GLU A 676 3.87 7.20 11.68
C GLU A 676 3.35 7.41 13.10
N GLY A 677 2.14 6.93 13.38
CA GLY A 677 1.56 7.12 14.70
C GLY A 677 2.32 6.42 15.82
N GLN A 678 2.95 5.29 15.51
CA GLN A 678 3.46 4.37 16.53
C GLN A 678 4.94 4.07 16.31
N PHE A 679 5.76 5.12 16.19
CA PHE A 679 7.17 4.93 15.89
C PHE A 679 7.95 4.45 17.11
N ARG A 680 7.94 5.25 18.18
CA ARG A 680 8.96 5.10 19.24
C ARG A 680 8.81 3.79 20.01
N GLN A 681 7.59 3.46 20.45
CA GLN A 681 7.41 2.29 21.31
C GLN A 681 7.86 1.02 20.60
N VAL A 682 7.44 0.84 19.34
CA VAL A 682 7.96 -0.27 18.53
C VAL A 682 9.47 -0.32 18.67
N LEU A 683 10.12 0.81 18.38
CA LEU A 683 11.58 0.95 18.51
C LEU A 683 12.07 0.29 19.78
N TYR A 684 11.51 0.71 20.92
CA TYR A 684 11.92 0.19 22.21
C TYR A 684 12.05 -1.32 22.14
N TYR A 685 10.92 -2.00 21.92
CA TYR A 685 10.96 -3.46 21.92
C TYR A 685 11.97 -3.94 20.91
N GLU A 686 11.85 -3.47 19.67
CA GLU A 686 12.75 -3.92 18.60
C GLU A 686 14.19 -3.69 19.00
N LEU A 687 14.50 -2.47 19.46
CA LEU A 687 15.88 -2.19 19.85
C LEU A 687 16.29 -3.09 21.00
N LEU A 688 15.46 -3.16 22.04
CA LEU A 688 15.79 -4.01 23.17
C LEU A 688 15.79 -5.47 22.76
N ALA A 689 15.05 -5.82 21.70
CA ALA A 689 15.16 -7.18 21.17
C ALA A 689 16.55 -7.40 20.58
N ILE A 690 16.99 -6.49 19.72
CA ILE A 690 18.30 -6.64 19.09
C ILE A 690 19.40 -6.64 20.15
N ARG A 691 19.31 -5.67 21.08
CA ARG A 691 20.17 -5.70 22.28
C ARG A 691 20.17 -7.08 22.90
N GLU A 692 18.96 -7.62 23.18
CA GLU A 692 18.85 -8.97 23.72
C GLU A 692 19.56 -9.97 22.82
N ALA A 693 19.29 -9.91 21.52
CA ALA A 693 19.89 -10.85 20.58
C ALA A 693 21.42 -10.74 20.56
N CYS A 694 21.96 -9.62 21.04
CA CYS A 694 23.41 -9.46 21.10
C CYS A 694 23.97 -9.70 22.49
N ILE A 695 23.14 -9.71 23.53
CA ILE A 695 23.59 -10.17 24.84
C ILE A 695 23.89 -11.66 24.78
N SER A 696 23.11 -12.41 24.01
CA SER A 696 23.28 -13.87 23.93
C SER A 696 24.63 -14.24 23.34
N LEU A 697 24.98 -13.66 22.19
CA LEU A 697 26.14 -14.13 21.45
C LEU A 697 27.42 -13.81 22.19
N GLU A 698 28.24 -14.84 22.42
CA GLU A 698 29.49 -14.76 23.18
C GLU A 698 29.19 -14.09 24.53
N LYS A 699 29.98 -13.11 24.94
CA LYS A 699 29.76 -12.45 26.23
C LYS A 699 30.27 -11.01 26.12
N ASP A 700 29.59 -10.10 26.84
CA ASP A 700 29.95 -8.69 26.84
C ASP A 700 29.98 -8.13 25.42
N TYR A 701 28.90 -8.39 24.68
CA TYR A 701 28.82 -8.13 23.24
C TYR A 701 27.80 -7.01 23.01
N GLN A 702 28.30 -5.79 22.78
CA GLN A 702 27.47 -4.62 22.49
C GLN A 702 27.97 -3.96 21.21
N PRO A 703 27.57 -4.47 20.06
CA PRO A 703 27.96 -3.84 18.79
C PRO A 703 27.11 -2.59 18.52
N GLY A 704 27.57 -1.80 17.55
CA GLY A 704 26.89 -0.56 17.22
C GLY A 704 25.64 -0.76 16.39
N ILE A 705 24.49 -0.42 16.95
CA ILE A 705 23.21 -0.56 16.26
C ILE A 705 22.85 0.76 15.60
N THR A 706 22.42 0.69 14.34
CA THR A 706 21.86 1.84 13.64
C THR A 706 20.50 1.44 13.08
N TYR A 707 19.45 2.15 13.48
CA TYR A 707 18.07 1.81 13.15
C TYR A 707 17.49 2.90 12.26
N ILE A 708 17.09 2.51 11.06
CA ILE A 708 16.47 3.39 10.07
C ILE A 708 15.14 2.77 9.65
N VAL A 709 14.12 3.60 9.49
CA VAL A 709 12.82 3.14 9.00
C VAL A 709 12.60 3.74 7.62
N VAL A 710 12.47 2.88 6.62
CA VAL A 710 12.14 3.30 5.27
C VAL A 710 10.63 3.32 5.12
N GLN A 711 10.13 4.19 4.25
CA GLN A 711 8.70 4.23 3.98
C GLN A 711 8.46 4.96 2.67
N LYS A 712 7.60 4.40 1.83
CA LYS A 712 7.28 4.94 0.51
C LYS A 712 5.83 5.42 0.42
N ARG A 713 5.12 5.49 1.55
CA ARG A 713 3.69 5.76 1.51
C ARG A 713 3.36 7.25 1.39
N HIS A 714 4.30 8.12 1.79
CA HIS A 714 4.05 9.55 1.97
C HIS A 714 3.50 10.25 0.72
N HIS A 715 2.97 11.46 0.91
CA HIS A 715 2.41 12.25 -0.18
C HIS A 715 3.27 13.45 -0.54
N THR A 716 4.58 13.39 -0.27
CA THR A 716 5.51 14.39 -0.77
C THR A 716 6.01 13.96 -2.14
N ARG A 717 5.89 14.86 -3.13
CA ARG A 717 6.28 14.57 -4.49
C ARG A 717 7.14 15.72 -5.00
N LEU A 718 8.39 15.42 -5.32
CA LEU A 718 9.36 16.42 -5.75
C LEU A 718 9.41 16.52 -7.26
N PHE A 719 9.42 17.75 -7.78
CA PHE A 719 9.46 18.03 -9.20
C PHE A 719 10.70 18.84 -9.54
N CYS A 720 11.02 18.90 -10.83
CA CYS A 720 12.13 19.71 -11.31
C CYS A 720 11.65 21.13 -11.53
N ALA A 721 12.26 22.08 -10.82
CA ALA A 721 11.93 23.49 -11.05
C ALA A 721 12.50 23.98 -12.37
N ASP A 722 13.58 23.36 -12.86
CA ASP A 722 14.17 23.69 -14.16
C ASP A 722 13.64 22.68 -15.17
N ARG A 723 12.90 23.17 -16.18
CA ARG A 723 12.26 22.27 -17.14
C ARG A 723 13.29 21.44 -17.91
N THR A 724 14.50 21.96 -18.09
CA THR A 724 15.51 21.27 -18.88
C THR A 724 15.94 19.95 -18.25
N GLU A 725 15.91 19.86 -16.92
CA GLU A 725 16.51 18.75 -16.21
C GLU A 725 15.55 17.59 -15.97
N ARG A 726 14.34 17.65 -16.54
CA ARG A 726 13.40 16.54 -16.42
C ARG A 726 13.89 15.35 -17.24
N VAL A 727 13.90 14.17 -16.62
CA VAL A 727 14.42 12.96 -17.25
C VAL A 727 13.26 12.16 -17.83
N GLY A 728 13.39 11.78 -19.10
CA GLY A 728 12.46 10.88 -19.73
C GLY A 728 11.13 11.54 -20.11
N ARG A 729 10.30 10.74 -20.79
CA ARG A 729 8.97 11.20 -21.16
C ARG A 729 8.11 11.44 -19.94
N SER A 730 8.33 10.66 -18.87
CA SER A 730 7.64 10.90 -17.62
C SER A 730 7.97 12.27 -17.02
N GLY A 731 9.18 12.77 -17.28
CA GLY A 731 9.55 14.09 -16.82
C GLY A 731 9.91 14.17 -15.35
N ASN A 732 10.58 13.15 -14.82
CA ASN A 732 10.84 13.05 -13.39
C ASN A 732 12.17 13.69 -13.01
N ILE A 733 12.48 13.61 -11.72
CA ILE A 733 13.79 13.97 -11.18
C ILE A 733 14.74 12.82 -11.47
N PRO A 734 16.06 13.05 -11.46
CA PRO A 734 17.01 11.97 -11.77
C PRO A 734 17.25 11.05 -10.58
N ALA A 735 17.71 9.85 -10.90
CA ALA A 735 18.06 8.87 -9.87
C ALA A 735 19.23 9.37 -9.05
N GLY A 736 19.09 9.30 -7.73
CA GLY A 736 20.10 9.82 -6.81
C GLY A 736 19.71 11.12 -6.15
N THR A 737 18.62 11.76 -6.58
CA THR A 737 18.18 13.00 -5.96
C THR A 737 17.88 12.76 -4.48
N THR A 738 18.45 13.61 -3.64
CA THR A 738 18.19 13.56 -2.20
C THR A 738 17.90 14.97 -1.70
N VAL A 739 17.09 15.05 -0.64
CA VAL A 739 16.73 16.33 -0.04
C VAL A 739 16.92 16.23 1.47
N ASP A 740 17.58 17.25 2.04
CA ASP A 740 17.94 17.26 3.45
C ASP A 740 17.54 18.57 4.13
N THR A 741 16.60 19.31 3.56
CA THR A 741 16.45 20.74 3.84
C THR A 741 14.96 21.06 3.99
N ASP A 742 14.61 22.33 3.76
CA ASP A 742 13.50 23.02 4.42
C ASP A 742 12.16 22.27 4.46
N ILE A 743 12.00 21.18 3.69
CA ILE A 743 10.77 20.40 3.81
C ILE A 743 10.92 19.17 4.70
N THR A 744 12.09 18.93 5.28
CA THR A 744 12.31 17.76 6.13
C THR A 744 11.98 18.12 7.59
N HIS A 745 12.36 17.25 8.52
CA HIS A 745 11.99 17.33 9.93
C HIS A 745 12.75 18.47 10.63
N PRO A 746 12.10 19.16 11.59
CA PRO A 746 12.80 20.25 12.29
C PRO A 746 14.02 19.81 13.09
N TYR A 747 13.95 18.67 13.79
CA TYR A 747 15.06 18.26 14.64
C TYR A 747 15.47 16.80 14.52
N GLU A 748 14.68 15.94 13.88
CA GLU A 748 15.05 14.55 13.76
C GLU A 748 15.79 14.30 12.44
N PHE A 749 16.38 13.11 12.33
CA PHE A 749 17.31 12.76 11.25
C PHE A 749 16.55 12.00 10.17
N ASP A 750 15.97 12.75 9.23
CA ASP A 750 15.24 12.17 8.11
C ASP A 750 15.71 12.79 6.81
N PHE A 751 15.52 12.07 5.71
CA PHE A 751 15.81 12.60 4.39
C PHE A 751 15.02 11.84 3.33
N TYR A 752 14.88 12.47 2.18
CA TYR A 752 14.28 11.83 1.01
C TYR A 752 15.39 11.41 0.05
N LEU A 753 15.18 10.28 -0.61
CA LEU A 753 16.13 9.80 -1.61
C LEU A 753 15.35 9.08 -2.71
N CYS A 754 15.09 9.80 -3.80
CA CYS A 754 14.45 9.20 -4.97
C CYS A 754 15.54 8.46 -5.75
N SER A 755 15.71 7.18 -5.43
CA SER A 755 16.87 6.42 -5.86
C SER A 755 16.61 5.58 -7.11
N HIS A 756 15.49 5.78 -7.80
CA HIS A 756 15.07 4.89 -8.88
C HIS A 756 14.77 5.68 -10.14
N ALA A 757 14.94 5.01 -11.28
CA ALA A 757 14.64 5.61 -12.58
C ALA A 757 13.13 5.76 -12.73
N GLY A 758 12.66 7.00 -12.75
CA GLY A 758 11.26 7.29 -12.94
C GLY A 758 10.84 7.21 -14.39
N ILE A 759 10.01 6.23 -14.73
CA ILE A 759 9.68 5.91 -16.11
C ILE A 759 8.21 6.18 -16.41
N GLN A 760 7.31 5.90 -15.46
CA GLN A 760 5.87 5.88 -15.76
C GLN A 760 5.21 7.23 -15.52
N GLY A 761 5.25 7.71 -14.29
CA GLY A 761 4.65 8.99 -13.96
C GLY A 761 5.51 9.70 -12.95
N THR A 762 4.89 10.41 -12.01
CA THR A 762 5.64 11.03 -10.92
C THR A 762 6.24 9.95 -10.03
N SER A 763 7.55 9.97 -9.89
CA SER A 763 8.22 8.99 -9.04
C SER A 763 7.82 9.20 -7.58
N ARG A 764 8.08 8.19 -6.77
CA ARG A 764 7.78 8.27 -5.34
C ARG A 764 9.09 8.32 -4.55
N PRO A 765 9.50 9.48 -4.03
CA PRO A 765 10.79 9.55 -3.34
C PRO A 765 10.77 8.83 -2.01
N SER A 766 11.45 7.70 -1.92
CA SER A 766 11.43 6.93 -0.69
C SER A 766 12.00 7.76 0.47
N HIS A 767 11.25 7.83 1.57
CA HIS A 767 11.59 8.62 2.74
C HIS A 767 12.24 7.74 3.80
N TYR A 768 13.37 8.21 4.34
CA TYR A 768 14.11 7.48 5.34
C TYR A 768 14.17 8.33 6.61
N HIS A 769 14.11 7.65 7.76
CA HIS A 769 14.05 8.31 9.05
C HIS A 769 14.94 7.56 10.02
N VAL A 770 15.98 8.22 10.52
CA VAL A 770 16.93 7.57 11.42
C VAL A 770 16.35 7.61 12.84
N LEU A 771 15.92 6.44 13.32
CA LEU A 771 15.41 6.34 14.67
C LEU A 771 16.48 5.96 15.68
N TRP A 772 17.67 5.56 15.24
CA TRP A 772 18.74 5.27 16.19
C TRP A 772 20.08 5.24 15.46
N ASP A 773 21.13 5.72 16.15
CA ASP A 773 22.48 5.64 15.59
C ASP A 773 23.47 5.67 16.75
N ASP A 774 24.01 4.50 17.10
CA ASP A 774 25.17 4.43 17.97
C ASP A 774 26.47 4.55 17.20
N ASN A 775 26.44 4.33 15.90
CA ASN A 775 27.64 4.37 15.05
C ASN A 775 28.08 5.79 14.72
N CYS A 776 27.23 6.80 14.97
CA CYS A 776 27.60 8.20 14.82
C CYS A 776 28.04 8.51 13.39
N PHE A 777 27.10 8.35 12.47
CA PHE A 777 27.36 8.56 11.05
C PHE A 777 26.85 9.93 10.61
N THR A 778 27.58 10.54 9.68
CA THR A 778 27.18 11.83 9.14
C THR A 778 26.14 11.65 8.04
N ALA A 779 25.51 12.76 7.67
CA ALA A 779 24.43 12.71 6.68
C ALA A 779 24.93 12.18 5.34
N ASP A 780 26.07 12.69 4.86
CA ASP A 780 26.62 12.23 3.60
C ASP A 780 26.82 10.72 3.61
N GLU A 781 27.39 10.20 4.70
CA GLU A 781 27.75 8.79 4.77
C GLU A 781 26.53 7.88 4.64
N LEU A 782 25.54 8.08 5.51
CA LEU A 782 24.34 7.24 5.47
C LEU A 782 23.56 7.42 4.17
N GLN A 783 23.45 8.67 3.68
CA GLN A 783 22.72 8.91 2.45
C GLN A 783 23.33 8.13 1.28
N LEU A 784 24.65 8.27 1.07
CA LEU A 784 25.25 7.58 -0.06
C LEU A 784 25.28 6.07 0.18
N LEU A 785 25.34 5.62 1.43
CA LEU A 785 25.25 4.19 1.70
C LEU A 785 23.91 3.64 1.25
N THR A 786 22.81 4.30 1.62
CA THR A 786 21.50 3.82 1.20
C THR A 786 21.35 3.89 -0.32
N TYR A 787 21.87 4.95 -0.94
CA TYR A 787 21.78 5.04 -2.39
C TYR A 787 22.56 3.91 -3.05
N GLN A 788 23.74 3.56 -2.50
CA GLN A 788 24.50 2.43 -3.03
C GLN A 788 23.76 1.11 -2.83
N LEU A 789 23.14 0.93 -1.65
CA LEU A 789 22.38 -0.30 -1.40
C LEU A 789 21.20 -0.42 -2.36
N CYS A 790 20.67 0.71 -2.83
CA CYS A 790 19.63 0.67 -3.85
C CYS A 790 20.13 0.16 -5.20
N HIS A 791 21.45 0.06 -5.39
CA HIS A 791 22.02 -0.42 -6.64
C HIS A 791 22.50 -1.87 -6.56
N THR A 792 22.33 -2.53 -5.41
CA THR A 792 22.84 -3.87 -5.20
C THR A 792 21.75 -4.94 -5.31
N TYR A 793 20.65 -4.62 -5.98
CA TYR A 793 19.53 -5.54 -6.13
C TYR A 793 19.87 -6.63 -7.13
N VAL A 794 19.69 -7.89 -6.74
CA VAL A 794 20.13 -9.00 -7.59
C VAL A 794 19.13 -9.28 -8.70
N ARG A 795 17.83 -9.14 -8.43
CA ARG A 795 16.81 -9.47 -9.43
C ARG A 795 16.78 -8.49 -10.59
N CYS A 796 17.48 -7.36 -10.49
CA CYS A 796 17.36 -6.31 -11.49
C CYS A 796 18.68 -5.56 -11.60
N THR A 797 19.18 -5.42 -12.83
CA THR A 797 20.38 -4.62 -13.06
C THR A 797 20.02 -3.16 -13.19
N ARG A 798 19.27 -2.66 -12.20
CA ARG A 798 18.80 -1.28 -12.20
C ARG A 798 18.85 -0.75 -10.77
N SER A 799 18.53 0.53 -10.63
CA SER A 799 18.41 1.16 -9.33
C SER A 799 16.98 0.98 -8.83
N VAL A 800 16.83 0.34 -7.68
CA VAL A 800 15.53 0.06 -7.10
C VAL A 800 15.22 1.12 -6.06
N SER A 801 13.92 1.33 -5.79
CA SER A 801 13.49 2.47 -4.99
C SER A 801 14.01 2.41 -3.56
N ILE A 802 13.97 1.24 -2.92
CA ILE A 802 14.35 1.14 -1.51
C ILE A 802 15.58 0.24 -1.39
N PRO A 803 16.29 0.24 -0.24
CA PRO A 803 17.48 -0.60 -0.12
C PRO A 803 17.15 -2.09 -0.23
N ALA A 804 18.17 -2.84 -0.63
CA ALA A 804 17.98 -4.27 -0.93
C ALA A 804 17.45 -5.08 0.25
N PRO A 805 17.95 -4.93 1.48
CA PRO A 805 17.39 -5.76 2.57
C PRO A 805 15.90 -5.60 2.78
N ALA A 806 15.36 -4.39 2.68
CA ALA A 806 13.93 -4.19 2.84
C ALA A 806 13.14 -4.90 1.74
N TYR A 807 13.61 -4.77 0.49
CA TYR A 807 12.95 -5.44 -0.63
C TYR A 807 12.97 -6.95 -0.42
N TYR A 808 14.11 -7.49 0.01
CA TYR A 808 14.21 -8.93 0.26
C TYR A 808 13.27 -9.36 1.38
N ALA A 809 13.14 -8.55 2.43
CA ALA A 809 12.22 -8.89 3.51
C ALA A 809 10.78 -8.93 3.01
N HIS A 810 10.41 -7.96 2.16
CA HIS A 810 9.07 -7.99 1.54
C HIS A 810 8.87 -9.26 0.73
N LEU A 811 9.88 -9.65 -0.05
CA LEU A 811 9.77 -10.87 -0.83
C LEU A 811 9.63 -12.10 0.06
N VAL A 812 10.36 -12.13 1.19
CA VAL A 812 10.23 -13.26 2.12
C VAL A 812 8.82 -13.32 2.69
N ALA A 813 8.25 -12.16 3.02
CA ALA A 813 6.88 -12.12 3.52
C ALA A 813 5.92 -12.72 2.49
N PHE A 814 6.05 -12.31 1.22
CA PHE A 814 5.11 -12.84 0.24
C PHE A 814 5.33 -14.34 -0.03
N ARG A 815 6.59 -14.78 -0.03
CA ARG A 815 6.85 -16.21 -0.21
C ARG A 815 6.24 -17.03 0.91
N ALA A 816 6.35 -16.55 2.15
CA ALA A 816 5.67 -17.24 3.25
C ALA A 816 4.16 -17.18 3.11
N ARG A 817 3.64 -16.05 2.60
CA ARG A 817 2.20 -15.93 2.40
C ARG A 817 1.69 -17.00 1.45
N TYR A 818 2.46 -17.29 0.39
CA TYR A 818 2.10 -18.42 -0.48
C TYR A 818 2.39 -19.76 0.19
N HIS A 819 3.40 -19.83 1.05
CA HIS A 819 3.66 -21.06 1.80
C HIS A 819 2.47 -21.48 2.64
N LEU A 820 1.69 -20.53 3.14
CA LEU A 820 0.59 -20.83 4.04
C LEU A 820 -0.78 -20.73 3.36
N VAL A 821 -0.83 -20.80 2.03
CA VAL A 821 -2.13 -20.83 1.36
C VAL A 821 -2.86 -22.11 1.77
N ASP A 822 -4.20 -22.02 1.87
CA ASP A 822 -4.97 -23.14 2.41
C ASP A 822 -4.76 -24.38 1.57
N LYS A 823 -4.38 -25.47 2.23
CA LYS A 823 -3.89 -26.67 1.55
C LYS A 823 -4.87 -27.14 0.48
N GLU A 824 -4.35 -27.43 -0.71
CA GLU A 824 -5.21 -27.67 -1.86
C GLU A 824 -6.05 -28.94 -1.66
N HIS A 825 -7.35 -28.82 -1.98
CA HIS A 825 -8.34 -29.90 -1.92
C HIS A 825 -8.48 -30.50 -0.52
N ASP A 826 -7.96 -29.82 0.51
CA ASP A 826 -8.18 -30.27 1.89
C ASP A 826 -8.97 -29.26 2.71
N SER A 827 -8.50 -28.02 2.81
CA SER A 827 -9.16 -27.03 3.66
C SER A 827 -10.21 -26.22 2.91
N ALA A 828 -9.91 -25.83 1.67
CA ALA A 828 -10.89 -25.15 0.84
C ALA A 828 -12.11 -26.03 0.61
N GLU A 829 -13.28 -25.44 0.76
CA GLU A 829 -14.56 -26.15 0.59
C GLU A 829 -14.63 -27.36 1.51
N GLY A 830 -14.32 -27.14 2.79
CA GLY A 830 -14.42 -28.21 3.77
C GLY A 830 -15.85 -28.55 4.12
N SER A 831 -16.30 -29.76 3.74
CA SER A 831 -17.68 -30.19 3.98
C SER A 831 -17.76 -31.39 4.94
N GLY A 835 -17.35 -19.65 2.13
CA GLY A 835 -16.61 -20.87 1.86
C GLY A 835 -15.18 -20.86 2.37
N GLN A 836 -14.90 -19.93 3.29
CA GLN A 836 -13.57 -19.83 3.88
C GLN A 836 -13.38 -20.93 4.93
N SER A 837 -12.11 -21.21 5.23
CA SER A 837 -11.74 -22.29 6.15
C SER A 837 -10.86 -21.73 7.26
N ASN A 838 -11.18 -22.09 8.50
CA ASN A 838 -10.43 -21.59 9.64
C ASN A 838 -9.05 -22.25 9.70
N GLY A 839 -8.05 -21.46 10.07
CA GLY A 839 -6.69 -21.95 10.11
C GLY A 839 -6.39 -22.81 11.32
N ARG A 840 -5.23 -23.44 11.28
CA ARG A 840 -4.73 -24.30 12.36
C ARG A 840 -3.62 -23.54 13.08
N ASP A 841 -3.96 -22.96 14.23
CA ASP A 841 -3.07 -22.10 15.00
C ASP A 841 -1.87 -22.81 15.64
N PRO A 842 -1.93 -24.13 16.02
CA PRO A 842 -0.77 -24.76 16.67
C PRO A 842 0.55 -24.60 15.93
N GLN A 843 1.65 -24.96 16.61
CA GLN A 843 2.99 -24.68 16.11
C GLN A 843 3.24 -25.24 14.72
N ALA A 844 2.37 -26.14 14.24
CA ALA A 844 2.50 -26.63 12.87
C ALA A 844 2.31 -25.51 11.85
N LEU A 845 1.56 -24.46 12.20
CA LEU A 845 1.51 -23.27 11.34
C LEU A 845 2.87 -22.60 11.26
N ALA A 846 3.58 -22.51 12.39
CA ALA A 846 4.94 -21.96 12.37
C ALA A 846 5.92 -22.89 11.66
N LYS A 847 5.58 -24.17 11.52
CA LYS A 847 6.38 -25.09 10.72
C LYS A 847 5.92 -25.17 9.28
N ALA A 848 4.66 -24.80 9.00
CA ALA A 848 4.22 -24.66 7.62
C ALA A 848 4.90 -23.50 6.92
N VAL A 849 5.38 -22.51 7.68
CA VAL A 849 6.22 -21.45 7.13
C VAL A 849 7.71 -21.74 7.31
N GLN A 850 8.08 -22.67 8.18
CA GLN A 850 9.46 -23.09 8.29
C GLN A 850 9.92 -23.70 6.97
N ILE A 851 11.17 -23.42 6.60
CA ILE A 851 11.71 -23.75 5.29
C ILE A 851 12.63 -24.95 5.43
N HIS A 852 12.62 -25.82 4.42
CA HIS A 852 13.53 -26.96 4.38
C HIS A 852 14.97 -26.47 4.46
N GLN A 853 15.80 -27.20 5.22
CA GLN A 853 17.12 -26.69 5.58
C GLN A 853 17.97 -26.38 4.35
N ASP A 854 17.76 -27.11 3.25
CA ASP A 854 18.52 -26.81 2.04
C ASP A 854 18.11 -25.47 1.43
N THR A 855 16.84 -25.09 1.59
CA THR A 855 16.32 -23.86 1.00
C THR A 855 16.36 -22.66 1.94
N LEU A 856 16.69 -22.85 3.23
CA LEU A 856 16.70 -21.73 4.17
C LEU A 856 17.97 -20.90 4.04
N ARG A 857 19.13 -21.56 3.94
CA ARG A 857 20.40 -20.85 3.85
C ARG A 857 20.63 -20.17 2.50
N THR A 858 19.74 -20.36 1.53
CA THR A 858 19.90 -19.82 0.19
C THR A 858 18.89 -18.70 -0.07
N MET A 859 19.06 -18.05 -1.22
CA MET A 859 18.22 -16.90 -1.60
C MET A 859 17.09 -17.38 -2.50
N TYR A 860 16.13 -18.08 -1.90
CA TYR A 860 14.94 -18.54 -2.60
C TYR A 860 13.92 -17.44 -2.82
N PHE A 861 14.32 -16.21 -2.53
CA PHE A 861 13.42 -15.07 -2.62
C PHE A 861 13.23 -14.60 -4.06
N ALA A 862 14.29 -14.66 -4.86
CA ALA A 862 14.26 -14.16 -6.24
C ALA A 862 13.15 -14.79 -7.08
P SRA C 5 -12.68 -10.65 -3.62
OP1 SRA C 5 -13.88 -10.78 -2.49
S2P SRA C 5 -13.44 -10.41 -5.35
O5' SRA C 5 -11.75 -12.02 -3.59
C5' SRA C 5 -11.00 -12.35 -4.72
C4' SRA C 5 -9.51 -11.93 -4.57
O4' SRA C 5 -9.29 -10.78 -5.15
C3' SRA C 5 -9.08 -11.82 -3.06
O3' SRA C 5 -7.83 -12.32 -2.87
C2' SRA C 5 -9.09 -10.32 -2.73
C1' SRA C 5 -9.35 -9.62 -4.03
O2' SRA C 5 -7.76 -9.91 -2.20
#